data_5T4G
#
_entry.id   5T4G
#
_cell.length_a   65.400
_cell.length_b   97.190
_cell.length_c   156.380
_cell.angle_alpha   90.000
_cell.angle_beta   90.000
_cell.angle_gamma   90.000
#
_symmetry.space_group_name_H-M   'P 21 21 21'
#
loop_
_entity.id
_entity.type
_entity.pdbx_description
1 polymer 'Glycoside Hydrolase'
2 branched beta-D-glucopyranose-(1-3)-beta-D-glucopyranose-(1-3)-alpha-D-glucopyranose
3 branched beta-D-glucopyranose-(1-3)-beta-D-glucopyranose
4 branched beta-D-glucopyranose-(1-3)-beta-D-glucopyranose-(1-3)-beta-D-glucopyranose-(1-3)-beta-D-glucopyranose-(1-3)-beta-D-glucopyranose-(1-3)-beta-D-glucopyranose-(1-3)-beta-D-glucopyranose-(1-3)-beta-D-glucopyranose-(1-3)-beta-D-glucopyranose-(1-3)-beta-D-glucopyranose
5 non-polymer 'PHOSPHATE ION'
6 non-polymer 1,2-ETHANEDIOL
7 water water
#
_entity_poly.entity_id   1
_entity_poly.type   'polypeptide(L)'
_entity_poly.pdbx_seq_one_letter_code
;MGSSHHHHHHSSGLVPRGSHMHAVSVGKGSYATEFPEIDFGGINDPGFRDQQGEPPATIYRSDRVTGPMQTNSWWGSLAV
DRFSMNQYPHPFSVRHRAEGLHVFYDAPHNMVVHENREAGTWHIHGAIGTDFTIKHSGTANFEQAVVDDYNDWYVRGLLE
NGAHQMAITYGVGSPYIFVEYEDGSAVLDFDIAPDVWEMNGHVIGFSTHDHKHYAAFAPPGQNWSGIGSKTLTNNADYIA
IAKLPEKDGNMLAKFEQYAYSVVRDAVADWTYDEATGTVTTTFEVTTEAKVQGAPDGTIFALYPHQYRHLASSSENQLLQ
NYQYEIIRGTMIGLEGKRFTTELTYPGVLPSLPDLGDYDRERLIGYLHDATSDYPTGSDTYELGKYIGKLATLAPIADQM
GEYELAEQFRGELKDILEDWLQATNASGQLKGKNLFYYNENWGTILGYHAAHSSATRINDHHFHYGYFVKAAAEIARADQ
EWAKSENWGGMIDLLIRDFMADRDDDLFPYLRMFDPYSGNSWADGLATFDAGNNQESSSEAMHAWTNVILWAEATGNKAL
RDRAIYLYTTEMSAINEYFFDVHQEIFPEEYGPEIVTINWGGKMDHATWWNSGKVEKYAINWLPFHGGSLYLGHHPDYVD
RAYEELRRDIGSTDWNLWSNLVWMYRAFTNPDDALQQMEASIDDYGLFDPGNEKIIERGSTKAQTYHWIHNLAELGRVDP
TVTANHPIYAVFNKNGNRTYIVYNFSDSPITVQFSDGHSIQVEPHSFNIGNGDGPTNPDPSEP
;
_entity_poly.pdbx_strand_id   A
#
# COMPACT_ATOMS: atom_id res chain seq x y z
N MET A 21 27.12 -4.98 -23.86
CA MET A 21 26.89 -4.14 -22.65
C MET A 21 26.03 -4.88 -21.62
N HIS A 22 26.48 -4.82 -20.37
N HIS A 22 26.46 -4.86 -20.35
CA HIS A 22 25.81 -5.46 -19.23
CA HIS A 22 25.67 -5.46 -19.28
C HIS A 22 25.19 -4.45 -18.25
C HIS A 22 25.18 -4.44 -18.25
N ALA A 23 25.29 -3.16 -18.59
CA ALA A 23 24.79 -2.06 -17.75
C ALA A 23 24.34 -0.87 -18.60
N VAL A 24 23.37 -0.11 -18.09
CA VAL A 24 22.85 1.09 -18.75
C VAL A 24 23.16 2.31 -17.87
N SER A 25 23.89 3.27 -18.45
N SER A 25 23.89 3.27 -18.45
CA SER A 25 24.24 4.52 -17.77
CA SER A 25 24.25 4.50 -17.75
C SER A 25 23.02 5.43 -17.60
C SER A 25 23.05 5.45 -17.60
N VAL A 26 22.85 5.94 -16.38
CA VAL A 26 21.78 6.90 -16.06
C VAL A 26 22.43 8.02 -15.24
N GLY A 27 22.65 9.16 -15.88
CA GLY A 27 23.47 10.23 -15.30
C GLY A 27 24.84 9.67 -14.95
N LYS A 28 25.28 9.92 -13.72
CA LYS A 28 26.58 9.42 -13.23
C LYS A 28 26.51 7.96 -12.75
N GLY A 29 25.29 7.44 -12.61
CA GLY A 29 25.08 6.07 -12.18
C GLY A 29 24.77 5.11 -13.29
N SER A 30 24.32 3.91 -12.91
CA SER A 30 23.96 2.85 -13.86
C SER A 30 23.19 1.74 -13.17
N TYR A 31 22.41 1.00 -13.94
CA TYR A 31 21.83 -0.26 -13.49
C TYR A 31 22.29 -1.41 -14.36
N ALA A 32 22.34 -2.62 -13.78
CA ALA A 32 22.73 -3.82 -14.50
C ALA A 32 21.58 -4.28 -15.40
N THR A 33 21.93 -4.81 -16.58
CA THR A 33 20.93 -5.41 -17.49
C THR A 33 21.10 -6.93 -17.63
N GLU A 34 22.11 -7.46 -16.94
N GLU A 34 22.13 -7.46 -16.98
CA GLU A 34 22.40 -8.88 -16.88
CA GLU A 34 22.37 -8.89 -16.89
C GLU A 34 22.49 -9.21 -15.41
C GLU A 34 22.46 -9.21 -15.41
N PHE A 35 21.96 -10.38 -15.03
CA PHE A 35 21.98 -10.82 -13.63
C PHE A 35 23.43 -10.94 -13.16
N PRO A 36 23.80 -10.20 -12.08
CA PRO A 36 25.19 -10.22 -11.65
C PRO A 36 25.62 -11.55 -11.03
N GLU A 37 26.91 -11.82 -11.09
CA GLU A 37 27.50 -12.91 -10.31
C GLU A 37 27.56 -12.36 -8.89
N ILE A 38 26.69 -12.90 -8.02
CA ILE A 38 26.53 -12.38 -6.66
C ILE A 38 27.74 -12.69 -5.78
N ASP A 39 28.23 -11.65 -5.10
CA ASP A 39 29.21 -11.78 -4.04
C ASP A 39 28.46 -12.09 -2.75
N PHE A 40 28.56 -13.34 -2.30
CA PHE A 40 27.86 -13.80 -1.09
C PHE A 40 28.59 -13.43 0.21
N GLY A 41 29.83 -12.92 0.09
CA GLY A 41 30.62 -12.47 1.23
C GLY A 41 30.95 -13.57 2.23
N GLY A 42 31.12 -14.79 1.74
CA GLY A 42 31.43 -15.96 2.57
C GLY A 42 30.26 -16.55 3.34
N ILE A 43 29.09 -15.89 3.30
CA ILE A 43 27.88 -16.35 4.00
C ILE A 43 27.31 -17.60 3.32
N ASN A 44 27.31 -18.70 4.06
CA ASN A 44 26.91 -20.00 3.55
C ASN A 44 25.43 -20.31 3.78
N ASP A 45 24.80 -19.56 4.68
CA ASP A 45 23.39 -19.75 5.02
C ASP A 45 22.50 -19.81 3.77
N PRO A 46 21.80 -20.95 3.57
CA PRO A 46 20.98 -21.19 2.37
C PRO A 46 19.86 -20.18 2.18
N GLY A 47 19.25 -19.71 3.27
CA GLY A 47 18.18 -18.71 3.24
C GLY A 47 18.63 -17.39 2.65
N PHE A 48 19.76 -16.89 3.14
CA PHE A 48 20.43 -15.69 2.60
C PHE A 48 20.76 -15.83 1.13
N ARG A 49 21.34 -16.98 0.76
CA ARG A 49 21.81 -17.21 -0.61
C ARG A 49 20.63 -17.27 -1.57
N ASP A 50 19.54 -17.94 -1.15
CA ASP A 50 18.33 -18.06 -1.96
C ASP A 50 17.64 -16.72 -2.23
N GLN A 51 17.82 -15.77 -1.33
CA GLN A 51 17.32 -14.40 -1.50
C GLN A 51 17.97 -13.67 -2.68
N GLN A 52 19.19 -14.07 -3.04
CA GLN A 52 19.95 -13.40 -4.09
C GLN A 52 19.64 -13.99 -5.46
N GLY A 53 18.35 -13.95 -5.80
CA GLY A 53 17.85 -14.53 -7.02
C GLY A 53 16.90 -13.61 -7.76
N GLU A 54 16.07 -14.22 -8.60
CA GLU A 54 15.17 -13.49 -9.50
C GLU A 54 13.73 -14.00 -9.35
N PRO A 55 12.74 -13.17 -9.73
CA PRO A 55 11.34 -13.60 -9.71
C PRO A 55 11.10 -14.73 -10.75
N PRO A 56 9.93 -15.43 -10.67
CA PRO A 56 9.70 -16.61 -11.53
C PRO A 56 9.91 -16.35 -13.03
N ALA A 57 10.51 -17.33 -13.71
CA ALA A 57 10.71 -17.26 -15.16
C ALA A 57 9.37 -17.30 -15.92
N THR A 58 8.42 -18.10 -15.43
CA THR A 58 7.13 -18.27 -16.12
C THR A 58 6.12 -17.25 -15.64
N ILE A 59 5.56 -16.50 -16.58
CA ILE A 59 4.46 -15.58 -16.32
C ILE A 59 3.24 -16.10 -17.07
N TYR A 60 2.17 -16.41 -16.33
CA TYR A 60 0.94 -16.89 -16.94
C TYR A 60 0.12 -15.72 -17.46
N ARG A 61 0.50 -15.27 -18.65
CA ARG A 61 -0.21 -14.23 -19.37
C ARG A 61 -0.30 -14.59 -20.85
N SER A 62 -1.36 -14.15 -21.50
CA SER A 62 -1.52 -14.41 -22.92
C SER A 62 -0.63 -13.46 -23.74
N ASP A 63 -0.54 -13.69 -25.05
CA ASP A 63 0.24 -12.80 -25.92
C ASP A 63 -0.47 -11.45 -26.17
N ARG A 64 -1.65 -11.28 -25.60
CA ARG A 64 -2.37 -10.00 -25.60
C ARG A 64 -1.84 -9.05 -24.52
N VAL A 65 -1.09 -9.61 -23.56
CA VAL A 65 -0.50 -8.83 -22.47
C VAL A 65 1.01 -8.74 -22.70
N THR A 66 1.46 -7.54 -23.06
CA THR A 66 2.86 -7.32 -23.45
C THR A 66 3.45 -6.16 -22.65
N GLY A 67 4.78 -6.07 -22.66
CA GLY A 67 5.48 -5.03 -21.93
C GLY A 67 5.63 -5.37 -20.46
N PRO A 68 6.08 -4.39 -19.65
CA PRO A 68 6.32 -4.62 -18.21
C PRO A 68 5.07 -5.16 -17.52
N MET A 69 5.24 -6.26 -16.81
CA MET A 69 4.11 -6.96 -16.20
C MET A 69 3.71 -6.31 -14.88
N GLN A 70 2.40 -6.16 -14.69
CA GLN A 70 1.87 -5.70 -13.41
C GLN A 70 2.16 -6.72 -12.30
N THR A 71 2.51 -6.20 -11.13
CA THR A 71 2.81 -7.01 -9.94
C THR A 71 2.15 -6.36 -8.74
N ASN A 72 2.32 -6.95 -7.56
CA ASN A 72 1.84 -6.38 -6.29
C ASN A 72 0.34 -6.07 -6.33
N SER A 73 -0.43 -6.98 -6.90
CA SER A 73 -1.86 -6.74 -7.14
C SER A 73 -2.70 -7.70 -6.35
N TRP A 74 -3.99 -7.37 -6.21
CA TRP A 74 -4.92 -8.27 -5.52
C TRP A 74 -5.09 -9.58 -6.30
N TRP A 75 -4.84 -9.53 -7.62
CA TRP A 75 -5.09 -10.64 -8.55
C TRP A 75 -3.84 -11.42 -8.96
N GLY A 76 -2.69 -11.03 -8.41
CA GLY A 76 -1.38 -11.52 -8.84
C GLY A 76 -1.16 -13.01 -8.98
N SER A 77 -1.86 -13.83 -8.18
CA SER A 77 -1.64 -15.28 -8.20
C SER A 77 -2.07 -15.93 -9.51
N LEU A 78 -2.97 -15.26 -10.23
CA LEU A 78 -3.35 -15.66 -11.58
C LEU A 78 -2.15 -15.65 -12.55
N ALA A 79 -1.25 -14.69 -12.38
CA ALA A 79 -0.06 -14.55 -13.24
C ALA A 79 1.07 -15.50 -12.87
N VAL A 80 1.12 -15.94 -11.61
CA VAL A 80 2.27 -16.69 -11.09
C VAL A 80 2.00 -18.20 -11.03
N ASP A 81 0.83 -18.57 -10.51
CA ASP A 81 0.41 -19.96 -10.43
C ASP A 81 -0.15 -20.38 -11.78
N ARG A 82 -0.05 -21.67 -12.09
N ARG A 82 -0.04 -21.67 -12.10
CA ARG A 82 -0.63 -22.26 -13.29
CA ARG A 82 -0.65 -22.23 -13.33
C ARG A 82 -2.13 -21.93 -13.44
C ARG A 82 -2.14 -21.90 -13.45
N PHE A 83 -2.86 -21.98 -12.33
CA PHE A 83 -4.26 -21.57 -12.27
C PHE A 83 -4.33 -20.27 -11.48
N SER A 84 -4.79 -20.32 -10.24
CA SER A 84 -4.61 -19.20 -9.31
C SER A 84 -4.74 -19.74 -7.90
N MET A 85 -4.40 -18.90 -6.93
N MET A 85 -4.43 -18.90 -6.93
CA MET A 85 -4.76 -19.11 -5.54
CA MET A 85 -4.83 -19.19 -5.57
C MET A 85 -6.15 -18.52 -5.32
C MET A 85 -6.06 -18.37 -5.27
N ASN A 86 -6.60 -18.54 -4.07
CA ASN A 86 -7.86 -17.88 -3.68
C ASN A 86 -7.67 -16.36 -3.75
N GLN A 87 -8.63 -15.67 -4.37
CA GLN A 87 -8.58 -14.22 -4.59
C GLN A 87 -9.81 -13.54 -4.02
N TYR A 88 -9.70 -12.24 -3.74
CA TYR A 88 -10.80 -11.50 -3.12
C TYR A 88 -11.27 -10.27 -3.92
N PRO A 89 -11.93 -10.51 -5.08
CA PRO A 89 -12.60 -9.42 -5.78
C PRO A 89 -13.91 -9.08 -5.04
N HIS A 90 -13.78 -8.35 -3.93
CA HIS A 90 -14.94 -8.05 -3.06
C HIS A 90 -16.11 -7.50 -3.90
N PRO A 91 -17.33 -8.05 -3.71
CA PRO A 91 -17.70 -8.90 -2.56
C PRO A 91 -17.40 -10.40 -2.65
N PHE A 92 -16.91 -10.87 -3.79
CA PHE A 92 -16.64 -12.32 -3.97
C PHE A 92 -15.28 -12.74 -3.43
N SER A 93 -15.15 -14.05 -3.17
CA SER A 93 -13.85 -14.70 -3.31
C SER A 93 -13.94 -15.69 -4.47
N VAL A 94 -12.85 -15.84 -5.22
CA VAL A 94 -12.80 -16.74 -6.38
C VAL A 94 -11.45 -17.47 -6.43
N ARG A 95 -11.45 -18.63 -7.10
CA ARG A 95 -10.19 -19.29 -7.47
C ARG A 95 -10.35 -20.04 -8.80
N HIS A 96 -9.30 -19.97 -9.61
CA HIS A 96 -9.23 -20.71 -10.87
C HIS A 96 -8.73 -22.12 -10.60
N ARG A 97 -9.32 -23.07 -11.30
CA ARG A 97 -8.96 -24.50 -11.23
C ARG A 97 -9.17 -25.11 -12.60
N ALA A 98 -8.65 -26.33 -12.80
CA ALA A 98 -8.82 -27.05 -14.05
C ALA A 98 -10.30 -27.21 -14.44
N GLU A 99 -11.16 -27.38 -13.43
CA GLU A 99 -12.59 -27.62 -13.65
C GLU A 99 -13.40 -26.35 -13.92
N GLY A 100 -12.82 -25.19 -13.63
CA GLY A 100 -13.52 -23.90 -13.81
C GLY A 100 -13.24 -22.93 -12.67
N LEU A 101 -14.09 -21.91 -12.53
CA LEU A 101 -13.88 -20.90 -11.50
C LEU A 101 -14.81 -21.13 -10.31
N HIS A 102 -14.18 -21.41 -9.16
CA HIS A 102 -14.92 -21.50 -7.90
C HIS A 102 -15.30 -20.12 -7.44
N VAL A 103 -16.56 -19.98 -7.01
CA VAL A 103 -17.09 -18.70 -6.52
C VAL A 103 -17.55 -18.91 -5.09
N PHE A 104 -17.20 -17.97 -4.22
CA PHE A 104 -17.57 -18.06 -2.81
C PHE A 104 -17.92 -16.70 -2.22
N TYR A 105 -18.77 -16.73 -1.20
CA TYR A 105 -19.06 -15.54 -0.40
C TYR A 105 -19.03 -15.88 1.08
N ASP A 106 -18.21 -15.16 1.84
CA ASP A 106 -18.18 -15.30 3.30
C ASP A 106 -19.44 -14.69 3.91
N ALA A 107 -20.36 -15.55 4.32
CA ALA A 107 -21.54 -15.15 5.07
C ALA A 107 -21.16 -14.97 6.56
N PRO A 108 -22.03 -14.36 7.39
CA PRO A 108 -21.66 -14.27 8.82
C PRO A 108 -21.27 -15.62 9.47
N HIS A 109 -21.96 -16.70 9.13
CA HIS A 109 -21.60 -18.04 9.67
C HIS A 109 -20.24 -18.57 9.19
N ASN A 110 -19.67 -17.96 8.15
CA ASN A 110 -18.32 -18.30 7.66
C ASN A 110 -17.22 -17.53 8.39
N MET A 111 -17.59 -16.42 9.02
CA MET A 111 -16.63 -15.51 9.65
C MET A 111 -16.33 -15.87 11.09
N VAL A 112 -15.04 -15.86 11.44
CA VAL A 112 -14.62 -16.10 12.82
C VAL A 112 -13.63 -15.05 13.31
N VAL A 113 -13.61 -14.86 14.63
CA VAL A 113 -12.60 -14.07 15.31
C VAL A 113 -11.96 -15.01 16.33
N HIS A 114 -10.67 -15.29 16.14
CA HIS A 114 -9.93 -16.16 17.04
C HIS A 114 -8.76 -15.44 17.71
N GLU A 115 -8.50 -15.80 18.96
CA GLU A 115 -7.33 -15.32 19.70
C GLU A 115 -6.44 -16.51 20.07
N ASN A 116 -5.13 -16.34 19.88
CA ASN A 116 -4.13 -17.25 20.41
C ASN A 116 -3.36 -16.46 21.48
N ARG A 117 -3.79 -16.64 22.73
CA ARG A 117 -3.25 -15.89 23.88
C ARG A 117 -1.74 -16.07 24.07
N GLU A 118 -1.27 -17.30 23.91
CA GLU A 118 0.15 -17.63 24.05
C GLU A 118 1.00 -16.93 22.99
N ALA A 119 0.52 -16.92 21.74
CA ALA A 119 1.20 -16.22 20.63
C ALA A 119 1.02 -14.70 20.66
N GLY A 120 0.03 -14.23 21.41
CA GLY A 120 -0.34 -12.81 21.43
C GLY A 120 -0.97 -12.37 20.11
N THR A 121 -1.61 -13.31 19.42
CA THR A 121 -2.17 -13.04 18.10
C THR A 121 -3.69 -13.11 18.07
N TRP A 122 -4.28 -12.35 17.14
CA TRP A 122 -5.70 -12.42 16.83
C TRP A 122 -5.87 -12.55 15.33
N HIS A 123 -6.97 -13.18 14.92
CA HIS A 123 -7.24 -13.46 13.50
C HIS A 123 -8.72 -13.29 13.21
N ILE A 124 -9.02 -12.44 12.22
CA ILE A 124 -10.38 -12.29 11.69
C ILE A 124 -10.35 -12.86 10.29
N HIS A 125 -11.10 -13.94 10.07
CA HIS A 125 -11.08 -14.61 8.77
C HIS A 125 -12.37 -15.32 8.41
N GLY A 126 -12.48 -15.70 7.15
CA GLY A 126 -13.58 -16.50 6.66
C GLY A 126 -13.14 -17.92 6.31
N ALA A 127 -13.80 -18.48 5.29
CA ALA A 127 -13.57 -19.85 4.85
C ALA A 127 -13.06 -19.88 3.42
N ILE A 128 -12.44 -20.99 3.02
CA ILE A 128 -12.09 -21.24 1.62
C ILE A 128 -13.06 -22.31 1.13
N GLY A 129 -14.29 -21.89 0.85
CA GLY A 129 -15.31 -22.83 0.36
C GLY A 129 -15.68 -22.59 -1.08
N THR A 130 -16.72 -23.30 -1.52
CA THR A 130 -17.26 -23.13 -2.86
C THR A 130 -18.78 -23.09 -2.78
N ASP A 131 -19.36 -21.97 -3.18
CA ASP A 131 -20.81 -21.85 -3.33
C ASP A 131 -21.25 -22.53 -4.62
N PHE A 132 -20.49 -22.29 -5.69
CA PHE A 132 -20.67 -22.94 -6.99
C PHE A 132 -19.42 -22.75 -7.85
N THR A 133 -19.32 -23.57 -8.90
CA THR A 133 -18.23 -23.45 -9.86
C THR A 133 -18.80 -23.03 -11.21
N ILE A 134 -18.22 -21.98 -11.79
CA ILE A 134 -18.55 -21.55 -13.15
C ILE A 134 -17.74 -22.44 -14.08
N LYS A 135 -18.47 -23.16 -14.94
CA LYS A 135 -17.88 -24.18 -15.81
C LYS A 135 -18.20 -23.95 -17.29
N HIS A 136 -17.43 -24.63 -18.13
CA HIS A 136 -17.51 -24.58 -19.58
C HIS A 136 -18.04 -25.94 -20.00
N SER A 137 -19.06 -25.97 -20.86
CA SER A 137 -19.73 -27.23 -21.25
C SER A 137 -18.81 -28.23 -21.97
N GLY A 138 -17.71 -27.73 -22.53
CA GLY A 138 -16.82 -28.53 -23.38
C GLY A 138 -15.66 -29.20 -22.67
N THR A 139 -15.32 -28.74 -21.47
CA THR A 139 -14.18 -29.25 -20.70
C THR A 139 -14.27 -28.91 -19.22
N ALA A 140 -13.87 -29.87 -18.39
CA ALA A 140 -13.58 -29.60 -16.98
C ALA A 140 -12.10 -29.90 -16.69
N ASN A 141 -11.29 -29.77 -17.74
CA ASN A 141 -9.86 -30.02 -17.67
C ASN A 141 -9.06 -28.94 -18.41
N PHE A 142 -9.25 -27.68 -18.01
CA PHE A 142 -8.43 -26.59 -18.53
C PHE A 142 -6.95 -26.82 -18.18
N GLU A 143 -6.08 -26.35 -19.05
CA GLU A 143 -4.63 -26.59 -18.94
C GLU A 143 -3.97 -25.56 -18.02
N GLN A 144 -4.50 -24.33 -18.03
CA GLN A 144 -3.95 -23.19 -17.28
C GLN A 144 -4.97 -22.05 -17.28
N ALA A 145 -4.76 -21.10 -16.37
CA ALA A 145 -5.49 -19.83 -16.38
C ALA A 145 -4.47 -18.72 -16.49
N VAL A 146 -4.66 -17.85 -17.47
CA VAL A 146 -3.70 -16.77 -17.74
C VAL A 146 -4.35 -15.40 -17.59
N VAL A 147 -3.52 -14.39 -17.33
CA VAL A 147 -3.97 -12.99 -17.43
C VAL A 147 -4.07 -12.64 -18.91
N ASP A 148 -5.27 -12.28 -19.35
CA ASP A 148 -5.55 -11.94 -20.75
C ASP A 148 -5.65 -10.43 -20.96
N ASP A 149 -5.97 -9.72 -19.88
CA ASP A 149 -6.06 -8.26 -19.86
C ASP A 149 -6.22 -7.81 -18.41
N TYR A 150 -5.90 -6.55 -18.15
CA TYR A 150 -6.15 -5.93 -16.86
C TYR A 150 -6.20 -4.42 -17.05
N ASN A 151 -6.75 -3.75 -16.05
CA ASN A 151 -6.77 -2.29 -16.02
C ASN A 151 -6.43 -1.85 -14.60
N ASP A 152 -6.88 -0.67 -14.17
CA ASP A 152 -6.49 -0.16 -12.84
C ASP A 152 -6.92 -1.03 -11.66
N TRP A 153 -8.05 -1.75 -11.77
CA TRP A 153 -8.47 -2.68 -10.71
C TRP A 153 -9.22 -3.96 -11.08
N TYR A 154 -9.62 -4.11 -12.35
CA TYR A 154 -10.21 -5.35 -12.86
C TYR A 154 -9.15 -6.20 -13.55
N VAL A 155 -9.42 -7.50 -13.63
CA VAL A 155 -8.59 -8.43 -14.40
C VAL A 155 -9.50 -9.30 -15.29
N ARG A 156 -8.97 -9.72 -16.43
CA ARG A 156 -9.60 -10.70 -17.28
C ARG A 156 -8.75 -11.96 -17.22
N GLY A 157 -9.28 -13.00 -16.58
CA GLY A 157 -8.60 -14.29 -16.48
C GLY A 157 -9.10 -15.18 -17.59
N LEU A 158 -8.20 -15.97 -18.18
CA LEU A 158 -8.58 -16.80 -19.31
C LEU A 158 -8.19 -18.25 -19.03
N LEU A 159 -9.19 -19.10 -18.81
CA LEU A 159 -8.99 -20.54 -18.69
C LEU A 159 -8.96 -21.13 -20.10
N GLU A 160 -7.91 -21.91 -20.40
CA GLU A 160 -7.58 -22.35 -21.76
C GLU A 160 -7.40 -23.86 -21.83
N ASN A 161 -7.97 -24.47 -22.87
CA ASN A 161 -7.73 -25.87 -23.25
C ASN A 161 -8.01 -25.99 -24.75
N GLY A 162 -7.00 -25.64 -25.56
CA GLY A 162 -7.13 -25.67 -27.03
C GLY A 162 -8.20 -24.70 -27.51
N ALA A 163 -9.16 -25.22 -28.28
CA ALA A 163 -10.32 -24.44 -28.75
C ALA A 163 -11.25 -23.97 -27.61
N HIS A 164 -11.26 -24.71 -26.50
CA HIS A 164 -12.10 -24.38 -25.35
C HIS A 164 -11.47 -23.28 -24.51
N GLN A 165 -12.19 -22.17 -24.37
CA GLN A 165 -11.74 -21.02 -23.59
C GLN A 165 -12.90 -20.44 -22.79
N MET A 166 -12.59 -20.00 -21.58
CA MET A 166 -13.54 -19.29 -20.74
C MET A 166 -12.83 -18.07 -20.15
N ALA A 167 -13.30 -16.89 -20.57
CA ALA A 167 -12.76 -15.61 -20.11
C ALA A 167 -13.62 -15.06 -18.99
N ILE A 168 -12.98 -14.82 -17.84
CA ILE A 168 -13.67 -14.34 -16.64
C ILE A 168 -13.17 -12.92 -16.34
N THR A 169 -14.08 -11.96 -16.34
CA THR A 169 -13.77 -10.58 -15.99
C THR A 169 -14.36 -10.28 -14.62
N TYR A 170 -13.50 -9.83 -13.70
CA TYR A 170 -13.88 -9.61 -12.32
C TYR A 170 -12.94 -8.59 -11.69
N GLY A 171 -13.34 -8.06 -10.54
CA GLY A 171 -12.52 -7.06 -9.88
C GLY A 171 -12.99 -6.75 -8.48
N VAL A 172 -12.07 -6.22 -7.67
CA VAL A 172 -12.45 -5.62 -6.39
C VAL A 172 -13.47 -4.54 -6.68
N GLY A 173 -14.51 -4.47 -5.84
CA GLY A 173 -15.57 -3.50 -6.05
C GLY A 173 -16.51 -3.77 -7.22
N SER A 174 -16.48 -5.00 -7.73
CA SER A 174 -17.47 -5.43 -8.73
C SER A 174 -18.34 -6.57 -8.20
N PRO A 175 -19.66 -6.32 -8.08
CA PRO A 175 -20.61 -7.37 -7.72
C PRO A 175 -20.95 -8.27 -8.90
N TYR A 176 -20.29 -8.04 -10.04
CA TYR A 176 -20.43 -8.89 -11.23
C TYR A 176 -19.19 -9.71 -11.49
N ILE A 177 -19.41 -10.93 -11.97
CA ILE A 177 -18.40 -11.71 -12.68
C ILE A 177 -18.95 -11.93 -14.10
N PHE A 178 -18.21 -11.45 -15.10
CA PHE A 178 -18.62 -11.53 -16.51
C PHE A 178 -17.92 -12.73 -17.13
N VAL A 179 -18.67 -13.58 -17.83
CA VAL A 179 -18.14 -14.86 -18.32
C VAL A 179 -18.37 -14.97 -19.83
N GLU A 180 -17.27 -15.13 -20.57
CA GLU A 180 -17.33 -15.23 -22.03
C GLU A 180 -16.75 -16.56 -22.50
N TYR A 181 -17.53 -17.27 -23.31
CA TYR A 181 -17.18 -18.62 -23.75
C TYR A 181 -16.73 -18.69 -25.19
N GLU A 182 -15.70 -19.50 -25.45
CA GLU A 182 -15.30 -19.89 -26.79
C GLU A 182 -15.46 -21.41 -26.94
N ASP A 183 -16.17 -21.82 -27.99
CA ASP A 183 -16.42 -23.25 -28.30
C ASP A 183 -17.12 -24.00 -27.16
N GLY A 184 -18.13 -23.37 -26.58
CA GLY A 184 -18.94 -23.99 -25.54
C GLY A 184 -19.94 -23.05 -24.91
N SER A 185 -20.61 -23.55 -23.87
CA SER A 185 -21.68 -22.80 -23.21
C SER A 185 -21.57 -22.91 -21.68
N ALA A 186 -22.50 -22.28 -20.98
CA ALA A 186 -22.39 -22.05 -19.55
C ALA A 186 -22.92 -23.18 -18.68
N VAL A 187 -22.18 -23.45 -17.60
CA VAL A 187 -22.59 -24.40 -16.58
C VAL A 187 -22.29 -23.77 -15.21
N LEU A 188 -23.25 -23.90 -14.28
CA LEU A 188 -23.05 -23.58 -12.87
C LEU A 188 -23.27 -24.83 -12.06
N ASP A 189 -22.21 -25.31 -11.41
CA ASP A 189 -22.25 -26.61 -10.72
C ASP A 189 -22.19 -26.42 -9.21
N PHE A 190 -23.06 -27.14 -8.50
CA PHE A 190 -23.24 -27.00 -7.04
C PHE A 190 -23.09 -28.35 -6.35
N ASP A 191 -22.56 -28.37 -5.12
CA ASP A 191 -22.50 -29.62 -4.33
C ASP A 191 -23.87 -30.02 -3.79
N ILE A 192 -24.66 -29.01 -3.40
CA ILE A 192 -26.05 -29.20 -2.97
C ILE A 192 -26.93 -28.31 -3.85
N ALA A 193 -28.04 -28.87 -4.35
CA ALA A 193 -28.93 -28.15 -5.27
C ALA A 193 -29.37 -26.78 -4.72
N PRO A 194 -29.16 -25.70 -5.50
CA PRO A 194 -29.60 -24.38 -5.05
C PRO A 194 -31.11 -24.19 -5.13
N ASP A 195 -31.62 -23.23 -4.35
CA ASP A 195 -33.02 -22.80 -4.45
C ASP A 195 -33.10 -21.69 -5.50
N VAL A 196 -33.70 -22.01 -6.65
CA VAL A 196 -33.97 -21.02 -7.68
C VAL A 196 -35.33 -20.38 -7.38
N TRP A 197 -35.28 -19.18 -6.80
CA TRP A 197 -36.48 -18.51 -6.30
C TRP A 197 -37.10 -17.53 -7.29
N GLU A 198 -36.36 -17.19 -8.34
CA GLU A 198 -36.91 -16.43 -9.45
C GLU A 198 -36.41 -16.98 -10.77
N MET A 199 -37.35 -17.40 -11.60
CA MET A 199 -37.04 -17.97 -12.91
C MET A 199 -37.66 -17.10 -14.00
N ASN A 200 -36.83 -16.27 -14.63
CA ASN A 200 -37.27 -15.39 -15.73
C ASN A 200 -36.83 -15.92 -17.09
N GLY A 201 -36.48 -17.21 -17.15
CA GLY A 201 -36.00 -17.79 -18.39
C GLY A 201 -34.49 -17.63 -18.53
N HIS A 202 -34.08 -16.47 -19.03
CA HIS A 202 -32.66 -16.15 -19.27
C HIS A 202 -31.97 -15.54 -18.05
N VAL A 203 -32.79 -15.10 -17.08
CA VAL A 203 -32.30 -14.54 -15.80
C VAL A 203 -32.85 -15.38 -14.66
N ILE A 204 -31.97 -15.75 -13.72
CA ILE A 204 -32.37 -16.50 -12.53
C ILE A 204 -31.89 -15.84 -11.24
N GLY A 205 -32.75 -15.84 -10.24
CA GLY A 205 -32.37 -15.46 -8.87
C GLY A 205 -32.28 -16.73 -8.07
N PHE A 206 -31.14 -16.97 -7.42
CA PHE A 206 -30.95 -18.21 -6.70
C PHE A 206 -30.25 -18.05 -5.35
N SER A 207 -30.41 -19.06 -4.50
CA SER A 207 -29.72 -19.09 -3.22
C SER A 207 -29.06 -20.44 -3.06
N THR A 208 -27.88 -20.43 -2.43
CA THR A 208 -27.23 -21.65 -1.99
C THR A 208 -28.06 -22.30 -0.88
N HIS A 209 -27.76 -23.56 -0.57
CA HIS A 209 -28.41 -24.30 0.53
C HIS A 209 -28.35 -23.53 1.86
N ASP A 210 -27.23 -22.80 2.06
CA ASP A 210 -27.01 -22.00 3.27
C ASP A 210 -27.32 -20.50 3.10
N HIS A 211 -28.20 -20.20 2.13
CA HIS A 211 -28.95 -18.94 2.02
C HIS A 211 -28.15 -17.73 1.54
N LYS A 212 -27.14 -17.97 0.71
CA LYS A 212 -26.38 -16.88 0.10
C LYS A 212 -27.03 -16.57 -1.24
N HIS A 213 -27.33 -15.29 -1.46
CA HIS A 213 -28.14 -14.90 -2.61
C HIS A 213 -27.34 -14.39 -3.79
N TYR A 214 -27.61 -14.98 -4.94
CA TYR A 214 -26.92 -14.70 -6.18
C TYR A 214 -27.92 -14.57 -7.32
N ALA A 215 -27.41 -14.14 -8.47
CA ALA A 215 -28.18 -14.09 -9.70
C ALA A 215 -27.31 -14.44 -10.90
N ALA A 216 -27.92 -15.02 -11.93
CA ALA A 216 -27.23 -15.30 -13.18
C ALA A 216 -28.03 -14.76 -14.36
N PHE A 217 -27.30 -14.24 -15.35
CA PHE A 217 -27.90 -13.51 -16.47
C PHE A 217 -27.36 -14.03 -17.79
N ALA A 218 -28.25 -14.37 -18.71
CA ALA A 218 -27.88 -14.77 -20.06
C ALA A 218 -28.65 -13.89 -21.05
N PRO A 219 -28.24 -13.84 -22.34
CA PRO A 219 -29.01 -13.06 -23.31
C PRO A 219 -30.46 -13.55 -23.45
N PRO A 220 -31.41 -12.62 -23.75
CA PRO A 220 -32.81 -13.02 -23.95
C PRO A 220 -32.94 -14.21 -24.91
N GLY A 221 -33.79 -15.17 -24.54
CA GLY A 221 -34.04 -16.36 -25.35
C GLY A 221 -33.19 -17.55 -24.98
N GLN A 222 -32.07 -17.29 -24.31
CA GLN A 222 -31.16 -18.35 -23.84
C GLN A 222 -31.55 -18.71 -22.42
N ASN A 223 -32.39 -19.72 -22.28
CA ASN A 223 -33.02 -20.05 -21.00
C ASN A 223 -32.21 -21.03 -20.17
N TRP A 224 -32.27 -20.85 -18.86
CA TRP A 224 -31.61 -21.75 -17.91
C TRP A 224 -32.34 -23.07 -17.78
N SER A 225 -31.58 -24.15 -17.75
N SER A 225 -31.57 -24.15 -17.72
CA SER A 225 -32.12 -25.51 -17.54
CA SER A 225 -32.10 -25.49 -17.53
C SER A 225 -31.47 -26.15 -16.31
C SER A 225 -31.50 -26.11 -16.26
N GLY A 226 -32.10 -27.20 -15.80
CA GLY A 226 -31.60 -27.94 -14.62
C GLY A 226 -32.06 -27.40 -13.28
N ILE A 227 -33.07 -26.52 -13.29
CA ILE A 227 -33.64 -25.95 -12.07
C ILE A 227 -34.17 -27.08 -11.18
N GLY A 228 -33.78 -27.05 -9.91
CA GLY A 228 -34.09 -28.10 -8.95
C GLY A 228 -32.98 -29.12 -8.81
N SER A 229 -31.99 -29.09 -9.71
CA SER A 229 -30.84 -29.99 -9.67
C SER A 229 -29.56 -29.29 -9.20
N LYS A 230 -28.49 -30.06 -9.12
CA LYS A 230 -27.17 -29.57 -8.72
C LYS A 230 -26.44 -28.82 -9.83
N THR A 231 -26.96 -28.87 -11.06
CA THR A 231 -26.28 -28.30 -12.22
C THR A 231 -27.23 -27.43 -13.05
N LEU A 232 -26.94 -26.14 -13.07
CA LEU A 232 -27.69 -25.19 -13.90
C LEU A 232 -26.94 -24.95 -15.20
N THR A 233 -27.65 -25.06 -16.32
CA THR A 233 -27.01 -24.95 -17.63
C THR A 233 -27.69 -23.90 -18.52
N ASN A 234 -26.91 -23.35 -19.44
CA ASN A 234 -27.41 -22.36 -20.38
C ASN A 234 -26.62 -22.45 -21.68
N ASN A 235 -27.34 -22.42 -22.80
CA ASN A 235 -26.73 -22.49 -24.15
C ASN A 235 -25.92 -21.27 -24.57
N ALA A 236 -26.05 -20.16 -23.83
CA ALA A 236 -25.38 -18.90 -24.20
C ALA A 236 -23.86 -19.01 -24.18
N ASP A 237 -23.21 -18.19 -25.01
CA ASP A 237 -21.75 -18.01 -24.96
C ASP A 237 -21.33 -16.81 -24.08
N TYR A 238 -22.31 -16.27 -23.36
CA TYR A 238 -22.09 -15.18 -22.40
C TYR A 238 -23.05 -15.30 -21.22
N ILE A 239 -22.50 -15.30 -20.01
CA ILE A 239 -23.30 -15.09 -18.79
C ILE A 239 -22.62 -14.09 -17.86
N ALA A 240 -23.41 -13.44 -17.02
CA ALA A 240 -22.88 -12.75 -15.85
C ALA A 240 -23.42 -13.37 -14.57
N ILE A 241 -22.59 -13.36 -13.54
CA ILE A 241 -22.99 -13.73 -12.18
C ILE A 241 -23.01 -12.44 -11.38
N ALA A 242 -24.04 -12.27 -10.56
CA ALA A 242 -24.04 -11.21 -9.56
C ALA A 242 -24.23 -11.75 -8.14
N LYS A 243 -23.53 -11.14 -7.19
CA LYS A 243 -23.88 -11.28 -5.80
C LYS A 243 -24.99 -10.28 -5.50
N LEU A 244 -26.12 -10.78 -5.00
CA LEU A 244 -27.24 -9.92 -4.62
C LEU A 244 -27.12 -9.51 -3.17
N PRO A 245 -27.42 -8.23 -2.86
CA PRO A 245 -27.43 -7.78 -1.46
C PRO A 245 -28.50 -8.47 -0.62
N GLU A 246 -29.63 -8.79 -1.25
CA GLU A 246 -30.80 -9.39 -0.60
C GLU A 246 -31.50 -10.32 -1.57
N LYS A 247 -32.31 -11.24 -1.04
CA LYS A 247 -33.25 -12.04 -1.84
C LYS A 247 -34.40 -11.10 -2.17
N ASP A 248 -34.25 -10.38 -3.28
CA ASP A 248 -35.11 -9.26 -3.61
C ASP A 248 -35.22 -9.17 -5.12
N GLY A 249 -36.45 -9.35 -5.62
CA GLY A 249 -36.75 -9.29 -7.05
C GLY A 249 -36.52 -7.94 -7.68
N ASN A 250 -36.71 -6.86 -6.91
CA ASN A 250 -36.46 -5.51 -7.42
C ASN A 250 -34.96 -5.28 -7.61
N MET A 251 -34.15 -5.83 -6.72
CA MET A 251 -32.69 -5.74 -6.85
C MET A 251 -32.22 -6.53 -8.06
N LEU A 252 -32.80 -7.72 -8.25
CA LEU A 252 -32.53 -8.55 -9.42
C LEU A 252 -32.77 -7.79 -10.74
N ALA A 253 -33.92 -7.12 -10.83
CA ALA A 253 -34.25 -6.28 -12.00
C ALA A 253 -33.23 -5.16 -12.24
N LYS A 254 -32.73 -4.56 -11.16
CA LYS A 254 -31.68 -3.53 -11.25
C LYS A 254 -30.36 -4.13 -11.76
N PHE A 255 -29.97 -5.29 -11.21
CA PHE A 255 -28.75 -5.97 -11.67
C PHE A 255 -28.83 -6.39 -13.13
N GLU A 256 -30.04 -6.72 -13.59
CA GLU A 256 -30.27 -7.04 -14.99
C GLU A 256 -29.91 -5.90 -15.95
N GLN A 257 -30.10 -4.66 -15.51
CA GLN A 257 -29.82 -3.48 -16.34
C GLN A 257 -28.34 -3.36 -16.73
N TYR A 258 -27.44 -3.80 -15.84
CA TYR A 258 -25.99 -3.70 -16.08
C TYR A 258 -25.28 -5.04 -16.29
N ALA A 259 -26.05 -6.13 -16.29
CA ALA A 259 -25.51 -7.49 -16.41
C ALA A 259 -24.86 -7.79 -17.76
N TYR A 260 -25.11 -6.94 -18.75
CA TYR A 260 -24.67 -7.17 -20.14
C TYR A 260 -23.66 -6.10 -20.59
N SER A 261 -23.13 -5.38 -19.62
CA SER A 261 -22.16 -4.31 -19.87
C SER A 261 -20.82 -4.74 -19.30
N VAL A 262 -20.02 -5.42 -20.13
CA VAL A 262 -18.78 -6.03 -19.66
C VAL A 262 -17.69 -4.98 -19.55
N VAL A 263 -17.09 -4.86 -18.37
CA VAL A 263 -16.03 -3.88 -18.13
C VAL A 263 -14.78 -4.26 -18.93
N ARG A 264 -14.32 -3.32 -19.75
CA ARG A 264 -13.10 -3.49 -20.55
C ARG A 264 -12.01 -2.57 -20.05
N ASP A 265 -12.37 -1.30 -19.80
CA ASP A 265 -11.44 -0.31 -19.29
C ASP A 265 -11.92 0.15 -17.91
N ALA A 266 -10.96 0.42 -17.03
CA ALA A 266 -11.26 1.01 -15.73
C ALA A 266 -10.07 1.84 -15.32
N VAL A 267 -10.30 3.14 -15.11
CA VAL A 267 -9.23 4.07 -14.74
C VAL A 267 -9.60 4.86 -13.48
N ALA A 268 -8.59 5.08 -12.64
CA ALA A 268 -8.69 5.98 -11.50
C ALA A 268 -7.86 7.20 -11.85
N ASP A 269 -8.54 8.26 -12.30
CA ASP A 269 -7.88 9.53 -12.66
C ASP A 269 -7.99 10.48 -11.47
N TRP A 270 -6.90 11.19 -11.18
CA TRP A 270 -6.86 12.08 -10.02
C TRP A 270 -6.40 13.50 -10.38
N THR A 271 -6.78 14.46 -9.53
CA THR A 271 -6.24 15.82 -9.57
C THR A 271 -5.88 16.24 -8.15
N TYR A 272 -4.83 17.04 -8.03
CA TYR A 272 -4.49 17.69 -6.77
C TYR A 272 -4.67 19.20 -6.94
N ASP A 273 -5.62 19.75 -6.18
CA ASP A 273 -5.85 21.19 -6.10
C ASP A 273 -4.97 21.73 -4.98
N GLU A 274 -3.82 22.29 -5.37
CA GLU A 274 -2.82 22.78 -4.41
C GLU A 274 -3.36 23.87 -3.49
N ALA A 275 -4.19 24.76 -4.04
CA ALA A 275 -4.79 25.86 -3.25
C ALA A 275 -5.61 25.38 -2.05
N THR A 276 -6.37 24.30 -2.24
CA THR A 276 -7.32 23.80 -1.23
C THR A 276 -6.83 22.55 -0.50
N GLY A 277 -5.86 21.86 -1.10
CA GLY A 277 -5.37 20.57 -0.59
C GLY A 277 -6.20 19.37 -1.05
N THR A 278 -7.24 19.62 -1.84
CA THR A 278 -8.17 18.56 -2.27
C THR A 278 -7.58 17.62 -3.33
N VAL A 279 -7.57 16.33 -3.01
CA VAL A 279 -7.25 15.28 -3.96
C VAL A 279 -8.57 14.66 -4.44
N THR A 280 -8.85 14.81 -5.73
CA THR A 280 -10.10 14.36 -6.33
C THR A 280 -9.76 13.16 -7.22
N THR A 281 -10.45 12.05 -7.02
CA THR A 281 -10.23 10.84 -7.80
C THR A 281 -11.53 10.42 -8.44
N THR A 282 -11.51 10.24 -9.76
CA THR A 282 -12.67 9.76 -10.50
C THR A 282 -12.39 8.37 -11.05
N PHE A 283 -13.27 7.44 -10.68
CA PHE A 283 -13.17 6.04 -11.07
C PHE A 283 -14.15 5.84 -12.21
N GLU A 284 -13.64 5.46 -13.37
CA GLU A 284 -14.46 5.42 -14.57
C GLU A 284 -14.26 4.13 -15.33
N VAL A 285 -15.36 3.43 -15.62
CA VAL A 285 -15.32 2.23 -16.44
C VAL A 285 -15.74 2.52 -17.88
N THR A 286 -15.25 1.71 -18.82
CA THR A 286 -15.81 1.65 -20.18
C THR A 286 -16.19 0.20 -20.43
N THR A 287 -17.43 0.02 -20.86
CA THR A 287 -18.00 -1.31 -21.01
C THR A 287 -18.28 -1.64 -22.48
N GLU A 288 -18.37 -2.95 -22.76
CA GLU A 288 -18.81 -3.42 -24.07
C GLU A 288 -20.17 -4.11 -23.92
N ALA A 289 -21.09 -3.77 -24.83
CA ALA A 289 -22.47 -4.28 -24.76
C ALA A 289 -22.55 -5.72 -25.25
N LYS A 290 -23.16 -6.57 -24.44
CA LYS A 290 -23.38 -7.97 -24.81
C LYS A 290 -24.79 -8.22 -25.34
N VAL A 291 -25.67 -7.25 -25.17
CA VAL A 291 -26.98 -7.23 -25.83
C VAL A 291 -27.22 -5.83 -26.38
N GLN A 292 -28.09 -5.74 -27.37
CA GLN A 292 -28.50 -4.45 -27.94
C GLN A 292 -28.95 -3.47 -26.86
N GLY A 293 -28.33 -2.29 -26.86
CA GLY A 293 -28.74 -1.19 -26.00
C GLY A 293 -28.32 -1.26 -24.55
N ALA A 294 -27.41 -2.18 -24.22
CA ALA A 294 -26.84 -2.26 -22.87
C ALA A 294 -26.10 -0.94 -22.55
N PRO A 295 -26.36 -0.34 -21.36
CA PRO A 295 -25.76 0.96 -21.02
C PRO A 295 -24.24 0.87 -20.83
N ASP A 296 -23.56 1.99 -21.07
CA ASP A 296 -22.14 2.08 -20.80
C ASP A 296 -21.96 2.46 -19.32
N GLY A 297 -21.88 1.43 -18.48
CA GLY A 297 -21.75 1.61 -17.04
C GLY A 297 -21.83 0.29 -16.33
N THR A 298 -21.74 0.33 -15.00
CA THR A 298 -21.82 -0.86 -14.18
C THR A 298 -22.50 -0.56 -12.85
N ILE A 299 -22.56 -1.56 -11.98
CA ILE A 299 -22.84 -1.31 -10.57
C ILE A 299 -21.52 -1.52 -9.85
N PHE A 300 -21.03 -0.46 -9.22
CA PHE A 300 -19.81 -0.51 -8.41
C PHE A 300 -20.20 -0.91 -6.99
N ALA A 301 -19.30 -1.61 -6.30
CA ALA A 301 -19.42 -1.80 -4.86
C ALA A 301 -18.31 -0.99 -4.22
N LEU A 302 -18.68 0.04 -3.46
CA LEU A 302 -17.69 0.94 -2.84
C LEU A 302 -17.27 0.48 -1.46
N TYR A 303 -15.98 0.64 -1.19
CA TYR A 303 -15.41 0.38 0.13
C TYR A 303 -15.64 1.61 1.03
N PRO A 304 -15.59 1.41 2.37
CA PRO A 304 -15.73 2.54 3.32
C PRO A 304 -14.82 3.74 3.04
N HIS A 305 -13.55 3.52 2.69
CA HIS A 305 -12.63 4.64 2.41
C HIS A 305 -13.05 5.46 1.19
N GLN A 306 -13.88 4.88 0.33
CA GLN A 306 -14.45 5.58 -0.83
C GLN A 306 -15.74 6.32 -0.50
N TYR A 307 -16.75 5.59 -0.03
CA TYR A 307 -18.06 6.20 0.15
C TYR A 307 -18.14 7.21 1.30
N ARG A 308 -17.26 7.08 2.29
CA ARG A 308 -17.17 8.09 3.35
C ARG A 308 -16.69 9.44 2.80
N HIS A 309 -16.13 9.42 1.58
CA HIS A 309 -15.57 10.60 0.93
C HIS A 309 -16.16 10.85 -0.45
N LEU A 310 -17.39 10.36 -0.68
CA LEU A 310 -18.04 10.49 -1.97
C LEU A 310 -18.33 11.95 -2.29
N ALA A 311 -18.00 12.36 -3.52
CA ALA A 311 -18.32 13.70 -4.03
C ALA A 311 -19.84 13.89 -4.05
N SER A 312 -20.26 15.13 -3.79
CA SER A 312 -21.69 15.48 -3.84
C SER A 312 -22.34 15.07 -5.16
N SER A 313 -21.61 15.27 -6.26
CA SER A 313 -22.10 14.97 -7.60
C SER A 313 -22.30 13.48 -7.90
N SER A 314 -21.73 12.61 -7.05
CA SER A 314 -21.89 11.15 -7.17
C SER A 314 -23.02 10.58 -6.30
N GLU A 315 -23.49 11.37 -5.33
CA GLU A 315 -24.48 10.92 -4.35
C GLU A 315 -25.78 10.36 -4.94
N ASN A 316 -26.26 10.98 -6.03
CA ASN A 316 -27.51 10.58 -6.69
C ASN A 316 -27.46 9.15 -7.27
N GLN A 317 -26.24 8.66 -7.50
CA GLN A 317 -26.02 7.35 -8.11
C GLN A 317 -26.00 6.20 -7.11
N LEU A 318 -25.94 6.55 -5.83
CA LEU A 318 -25.92 5.55 -4.76
C LEU A 318 -27.17 4.69 -4.79
N LEU A 319 -27.00 3.38 -4.61
CA LEU A 319 -28.10 2.46 -4.46
C LEU A 319 -28.18 2.16 -2.97
N GLN A 320 -29.04 2.89 -2.26
CA GLN A 320 -28.96 3.00 -0.80
C GLN A 320 -28.90 1.67 -0.04
N ASN A 321 -29.87 0.79 -0.31
CA ASN A 321 -30.03 -0.46 0.45
C ASN A 321 -29.18 -1.62 -0.07
N TYR A 322 -28.29 -1.32 -1.02
CA TYR A 322 -27.46 -2.34 -1.64
C TYR A 322 -26.15 -2.45 -0.85
N GLN A 323 -26.21 -3.20 0.25
CA GLN A 323 -25.05 -3.40 1.12
C GLN A 323 -24.49 -4.81 1.03
N TYR A 324 -23.16 -4.92 1.09
CA TYR A 324 -22.47 -6.21 1.20
C TYR A 324 -21.55 -6.21 2.41
N GLU A 325 -21.58 -7.29 3.20
CA GLU A 325 -20.65 -7.46 4.31
C GLU A 325 -19.42 -8.22 3.84
N ILE A 326 -18.25 -7.67 4.15
CA ILE A 326 -16.96 -8.24 3.77
C ILE A 326 -15.98 -8.01 4.92
N ILE A 327 -14.74 -8.50 4.78
CA ILE A 327 -13.69 -8.32 5.79
C ILE A 327 -13.47 -6.84 6.15
N ARG A 328 -13.59 -5.97 5.15
CA ARG A 328 -13.34 -4.53 5.30
C ARG A 328 -14.60 -3.73 5.69
N GLY A 329 -15.62 -4.44 6.18
CA GLY A 329 -16.84 -3.79 6.67
C GLY A 329 -17.97 -3.92 5.67
N THR A 330 -18.66 -2.83 5.43
CA THR A 330 -19.83 -2.78 4.55
C THR A 330 -19.45 -2.13 3.23
N MET A 331 -19.73 -2.82 2.12
CA MET A 331 -19.64 -2.22 0.79
C MET A 331 -21.02 -1.73 0.41
N ILE A 332 -21.07 -0.66 -0.39
CA ILE A 332 -22.36 -0.15 -0.88
C ILE A 332 -22.40 -0.04 -2.40
N GLY A 333 -23.57 -0.27 -2.98
CA GLY A 333 -23.79 -0.19 -4.41
C GLY A 333 -23.90 1.24 -4.91
N LEU A 334 -23.38 1.46 -6.11
CA LEU A 334 -23.50 2.74 -6.82
C LEU A 334 -23.56 2.41 -8.31
N GLU A 335 -24.53 3.00 -9.01
CA GLU A 335 -24.70 2.71 -10.45
C GLU A 335 -24.15 3.80 -11.37
N GLY A 336 -23.67 3.40 -12.53
CA GLY A 336 -23.32 4.36 -13.59
C GLY A 336 -21.95 4.13 -14.17
N LYS A 337 -21.46 5.14 -14.87
CA LYS A 337 -20.19 5.04 -15.60
C LYS A 337 -18.99 5.38 -14.72
N ARG A 338 -19.23 6.23 -13.72
CA ARG A 338 -18.14 6.78 -12.92
C ARG A 338 -18.63 7.23 -11.56
N PHE A 339 -17.70 7.36 -10.63
CA PHE A 339 -17.94 8.05 -9.36
C PHE A 339 -16.65 8.74 -8.91
N THR A 340 -16.82 9.67 -7.97
CA THR A 340 -15.72 10.53 -7.57
C THR A 340 -15.58 10.58 -6.04
N THR A 341 -14.34 10.51 -5.56
CA THR A 341 -14.04 10.71 -4.14
C THR A 341 -13.23 11.99 -3.96
N GLU A 342 -13.35 12.60 -2.78
CA GLU A 342 -12.61 13.82 -2.45
C GLU A 342 -11.94 13.67 -1.11
N LEU A 343 -10.64 13.89 -1.10
CA LEU A 343 -9.82 13.72 0.08
C LEU A 343 -9.03 14.99 0.32
N THR A 344 -8.47 15.13 1.53
CA THR A 344 -7.66 16.29 1.90
C THR A 344 -6.22 15.88 2.20
N TYR A 345 -5.29 16.40 1.39
CA TYR A 345 -3.85 16.25 1.64
C TYR A 345 -3.45 17.17 2.80
N PRO A 346 -2.82 16.62 3.86
CA PRO A 346 -2.54 17.43 5.06
C PRO A 346 -1.17 18.12 5.10
N GLY A 347 -0.37 17.97 4.03
CA GLY A 347 1.01 18.43 4.04
C GLY A 347 1.97 17.39 4.62
N VAL A 348 3.25 17.58 4.33
CA VAL A 348 4.34 16.84 4.99
C VAL A 348 5.49 17.82 5.25
N LEU A 349 6.41 17.42 6.12
CA LEU A 349 7.62 18.20 6.41
C LEU A 349 8.89 17.38 6.15
N PRO A 350 10.03 18.06 5.87
CA PRO A 350 11.29 17.30 5.72
C PRO A 350 11.82 16.77 7.07
N SER A 351 11.39 17.42 8.14
N SER A 351 11.39 17.43 8.14
CA SER A 351 11.72 17.06 9.51
CA SER A 351 11.77 17.11 9.52
C SER A 351 10.86 17.95 10.39
C SER A 351 10.88 17.97 10.39
N LEU A 352 10.79 17.63 11.68
CA LEU A 352 10.24 18.55 12.66
C LEU A 352 11.26 19.69 12.81
N PRO A 353 10.77 20.93 13.01
CA PRO A 353 11.71 22.05 13.18
C PRO A 353 12.28 22.08 14.60
N ASP A 354 13.08 23.10 14.89
CA ASP A 354 13.67 23.30 16.21
C ASP A 354 12.72 24.15 17.08
N LEU A 355 11.76 23.49 17.73
CA LEU A 355 10.78 24.19 18.57
C LEU A 355 10.58 23.57 19.96
N GLY A 356 11.34 22.52 20.26
CA GLY A 356 11.24 21.83 21.55
C GLY A 356 11.98 22.54 22.67
N ASP A 357 11.54 22.29 23.91
CA ASP A 357 12.23 22.80 25.11
C ASP A 357 13.19 21.75 25.68
N TYR A 358 13.98 21.13 24.79
CA TYR A 358 15.03 20.18 25.16
C TYR A 358 16.28 20.89 25.69
N ASP A 359 17.05 20.16 26.50
CA ASP A 359 18.42 20.51 26.85
C ASP A 359 19.24 20.32 25.57
N ARG A 360 19.64 21.43 24.97
CA ARG A 360 20.33 21.44 23.67
C ARG A 360 21.66 20.68 23.69
N GLU A 361 22.41 20.80 24.80
CA GLU A 361 23.67 20.05 24.96
C GLU A 361 23.46 18.54 25.07
N ARG A 362 22.38 18.14 25.74
CA ARG A 362 21.98 16.74 25.85
C ARG A 362 21.63 16.16 24.47
N LEU A 363 20.92 16.94 23.66
CA LEU A 363 20.59 16.55 22.29
C LEU A 363 21.86 16.45 21.41
N ILE A 364 22.75 17.45 21.54
CA ILE A 364 24.07 17.42 20.88
C ILE A 364 24.83 16.14 21.26
N GLY A 365 24.81 15.79 22.55
CA GLY A 365 25.39 14.53 23.03
C GLY A 365 24.85 13.31 22.29
N TYR A 366 23.52 13.23 22.21
CA TYR A 366 22.85 12.12 21.50
C TYR A 366 23.21 12.06 20.01
N LEU A 367 23.32 13.22 19.36
CA LEU A 367 23.71 13.30 17.94
C LEU A 367 25.11 12.73 17.69
N HIS A 368 26.05 13.06 18.57
CA HIS A 368 27.39 12.50 18.51
C HIS A 368 27.43 11.01 18.83
N ASP A 369 26.57 10.57 19.76
CA ASP A 369 26.39 9.14 20.08
C ASP A 369 26.01 8.31 18.85
N ALA A 370 25.23 8.92 17.96
CA ALA A 370 24.71 8.26 16.76
C ALA A 370 25.77 7.89 15.73
N THR A 371 26.96 8.50 15.82
CA THR A 371 28.09 8.16 14.93
C THR A 371 28.59 6.71 15.14
N SER A 372 28.23 6.11 16.28
CA SER A 372 28.52 4.71 16.58
C SER A 372 27.59 3.72 15.88
N ASP A 373 26.46 4.22 15.36
CA ASP A 373 25.47 3.38 14.67
C ASP A 373 26.00 2.90 13.33
N TYR A 374 25.60 1.68 12.98
CA TYR A 374 25.96 1.06 11.71
C TYR A 374 24.80 0.18 11.21
N PRO A 375 24.76 -0.10 9.88
CA PRO A 375 23.71 -0.99 9.37
C PRO A 375 23.87 -2.43 9.90
N THR A 376 22.75 -3.09 10.19
CA THR A 376 22.76 -4.43 10.77
C THR A 376 22.67 -5.54 9.72
N GLY A 377 22.77 -5.15 8.44
CA GLY A 377 22.83 -6.10 7.33
C GLY A 377 23.28 -5.39 6.06
N SER A 378 23.56 -6.16 5.02
CA SER A 378 24.04 -5.61 3.74
C SER A 378 22.91 -5.46 2.70
N ASP A 379 21.73 -5.96 3.04
CA ASP A 379 20.58 -5.93 2.14
C ASP A 379 19.95 -4.54 2.06
N THR A 380 19.13 -4.32 1.02
CA THR A 380 18.45 -3.04 0.80
C THR A 380 17.62 -2.56 1.98
N TYR A 381 17.02 -3.49 2.74
CA TYR A 381 16.19 -3.09 3.86
C TYR A 381 17.00 -2.60 5.07
N GLU A 382 17.97 -3.41 5.52
CA GLU A 382 18.78 -3.03 6.67
C GLU A 382 19.64 -1.81 6.38
N LEU A 383 20.20 -1.75 5.16
CA LEU A 383 20.94 -0.58 4.73
C LEU A 383 19.99 0.62 4.63
N GLY A 384 18.78 0.38 4.11
CA GLY A 384 17.72 1.39 4.06
C GLY A 384 17.44 2.01 5.43
N LYS A 385 17.23 1.17 6.45
CA LYS A 385 16.95 1.65 7.80
C LYS A 385 18.07 2.56 8.31
N TYR A 386 19.31 2.16 8.04
CA TYR A 386 20.48 2.93 8.44
C TYR A 386 20.54 4.31 7.75
N ILE A 387 20.34 4.36 6.44
CA ILE A 387 20.38 5.64 5.73
C ILE A 387 19.20 6.55 6.10
N GLY A 388 18.04 5.95 6.42
CA GLY A 388 16.90 6.70 6.96
C GLY A 388 17.25 7.35 8.29
N LYS A 389 17.92 6.57 9.14
CA LYS A 389 18.43 7.05 10.42
C LYS A 389 19.37 8.27 10.26
N LEU A 390 20.37 8.16 9.37
CA LEU A 390 21.29 9.27 9.11
C LEU A 390 20.60 10.50 8.53
N ALA A 391 19.67 10.27 7.59
CA ALA A 391 18.90 11.37 6.98
C ALA A 391 18.03 12.10 8.00
N THR A 392 17.56 11.37 9.03
CA THR A 392 16.76 11.96 10.11
C THR A 392 17.64 12.81 11.04
N LEU A 393 18.88 12.35 11.26
CA LEU A 393 19.82 13.03 12.16
C LEU A 393 20.36 14.34 11.61
N ALA A 394 20.59 14.40 10.30
CA ALA A 394 21.21 15.58 9.66
C ALA A 394 20.49 16.94 9.89
N PRO A 395 19.14 17.02 9.68
CA PRO A 395 18.50 18.31 9.99
C PRO A 395 18.51 18.66 11.49
N ILE A 396 18.47 17.65 12.37
CA ILE A 396 18.56 17.89 13.83
C ILE A 396 19.95 18.43 14.19
N ALA A 397 20.99 17.83 13.62
CA ALA A 397 22.37 18.33 13.76
C ALA A 397 22.50 19.78 13.30
N ASP A 398 21.90 20.11 12.15
CA ASP A 398 21.85 21.49 11.64
C ASP A 398 21.20 22.44 12.63
N GLN A 399 20.04 22.05 13.15
CA GLN A 399 19.28 22.85 14.10
C GLN A 399 20.04 23.14 15.40
N MET A 400 20.81 22.16 15.86
CA MET A 400 21.61 22.28 17.09
C MET A 400 22.92 23.04 16.88
N GLY A 401 23.20 23.44 15.64
CA GLY A 401 24.43 24.14 15.30
C GLY A 401 25.64 23.23 15.14
N GLU A 402 25.40 21.92 15.08
CA GLU A 402 26.45 20.95 14.80
C GLU A 402 26.58 20.76 13.28
N TYR A 403 27.02 21.83 12.61
CA TYR A 403 26.98 21.92 11.14
C TYR A 403 27.92 20.94 10.43
N GLU A 404 29.12 20.74 10.97
CA GLU A 404 30.05 19.75 10.42
C GLU A 404 29.58 18.33 10.62
N LEU A 405 28.91 18.07 11.74
CA LEU A 405 28.31 16.76 11.98
C LEU A 405 27.19 16.46 10.97
N ALA A 406 26.35 17.46 10.72
CA ALA A 406 25.28 17.37 9.70
C ALA A 406 25.88 17.06 8.34
N GLU A 407 26.99 17.73 8.02
CA GLU A 407 27.71 17.48 6.77
C GLU A 407 28.33 16.09 6.75
N GLN A 408 28.89 15.63 7.88
CA GLN A 408 29.38 14.26 7.99
C GLN A 408 28.28 13.24 7.67
N PHE A 409 27.10 13.45 8.25
CA PHE A 409 25.96 12.58 7.98
C PHE A 409 25.57 12.56 6.50
N ARG A 410 25.46 13.74 5.89
CA ARG A 410 25.09 13.85 4.46
C ARG A 410 26.19 13.33 3.53
N GLY A 411 27.45 13.52 3.93
CA GLY A 411 28.59 12.94 3.22
C GLY A 411 28.53 11.42 3.19
N GLU A 412 28.18 10.83 4.33
N GLU A 412 28.19 10.81 4.32
CA GLU A 412 28.02 9.38 4.48
CA GLU A 412 28.04 9.36 4.42
C GLU A 412 26.84 8.85 3.64
C GLU A 412 26.86 8.86 3.57
N LEU A 413 25.80 9.66 3.52
CA LEU A 413 24.64 9.37 2.65
C LEU A 413 25.06 9.39 1.19
N LYS A 414 25.80 10.43 0.82
CA LYS A 414 26.41 10.53 -0.52
C LYS A 414 27.27 9.30 -0.84
N ASP A 415 28.16 8.91 0.07
CA ASP A 415 29.06 7.77 -0.15
C ASP A 415 28.29 6.48 -0.43
N ILE A 416 27.26 6.24 0.38
CA ILE A 416 26.44 5.03 0.28
C ILE A 416 25.62 5.02 -1.01
N LEU A 417 24.92 6.11 -1.30
CA LEU A 417 24.10 6.20 -2.51
C LEU A 417 24.92 6.14 -3.79
N GLU A 418 26.06 6.85 -3.81
CA GLU A 418 26.94 6.84 -4.99
C GLU A 418 27.52 5.45 -5.27
N ASP A 419 27.65 4.63 -4.22
CA ASP A 419 28.02 3.23 -4.36
C ASP A 419 26.84 2.43 -4.97
N TRP A 420 25.70 2.40 -4.26
CA TRP A 420 24.53 1.64 -4.70
C TRP A 420 23.97 2.00 -6.07
N LEU A 421 24.08 3.28 -6.44
CA LEU A 421 23.51 3.76 -7.70
C LEU A 421 24.41 3.56 -8.93
N GLN A 422 25.57 2.93 -8.70
N GLN A 422 25.55 2.89 -8.73
CA GLN A 422 26.46 2.47 -9.77
CA GLN A 422 26.45 2.53 -9.83
C GLN A 422 26.46 0.96 -9.81
C GLN A 422 26.60 1.01 -9.88
N ALA A 423 26.18 0.41 -10.98
CA ALA A 423 26.16 -1.05 -11.15
C ALA A 423 27.53 -1.64 -11.48
N THR A 424 28.45 -0.79 -11.96
CA THR A 424 29.78 -1.26 -12.36
C THR A 424 30.86 -0.81 -11.39
N ASN A 425 31.91 -1.60 -11.28
CA ASN A 425 33.08 -1.24 -10.49
C ASN A 425 34.08 -0.44 -11.34
N ALA A 426 35.22 -0.10 -10.75
CA ALA A 426 36.28 0.69 -11.43
C ALA A 426 36.74 0.11 -12.77
N SER A 427 36.73 -1.23 -12.88
CA SER A 427 37.11 -1.92 -14.12
C SER A 427 36.04 -1.90 -15.23
N GLY A 428 34.81 -1.52 -14.86
CA GLY A 428 33.68 -1.52 -15.79
C GLY A 428 32.82 -2.78 -15.80
N GLN A 429 33.20 -3.76 -14.99
N GLN A 429 33.21 -3.76 -14.98
CA GLN A 429 32.47 -5.01 -14.86
CA GLN A 429 32.49 -5.01 -14.83
C GLN A 429 31.40 -4.87 -13.78
C GLN A 429 31.37 -4.83 -13.81
N LEU A 430 30.36 -5.71 -13.85
CA LEU A 430 29.27 -5.68 -12.88
C LEU A 430 29.75 -6.05 -11.48
N LYS A 431 29.28 -5.28 -10.50
CA LYS A 431 29.54 -5.55 -9.09
C LYS A 431 28.78 -6.79 -8.63
N GLY A 432 29.22 -7.35 -7.50
CA GLY A 432 28.59 -8.54 -6.92
C GLY A 432 27.61 -8.23 -5.80
N LYS A 433 27.61 -6.98 -5.33
CA LYS A 433 26.70 -6.50 -4.28
C LYS A 433 26.63 -4.97 -4.34
N ASN A 434 25.69 -4.38 -3.62
CA ASN A 434 25.44 -2.92 -3.58
C ASN A 434 25.14 -2.37 -4.99
N LEU A 435 24.16 -2.96 -5.67
CA LEU A 435 23.81 -2.54 -7.02
C LEU A 435 22.34 -2.83 -7.34
N PHE A 436 21.86 -2.15 -8.37
CA PHE A 436 20.52 -2.38 -8.90
C PHE A 436 20.57 -3.03 -10.29
N TYR A 437 19.60 -3.91 -10.52
CA TYR A 437 19.52 -4.74 -11.71
C TYR A 437 18.09 -4.69 -12.26
N TYR A 438 17.98 -4.58 -13.59
CA TYR A 438 16.69 -4.59 -14.24
C TYR A 438 16.36 -5.98 -14.75
N ASN A 439 15.41 -6.62 -14.09
CA ASN A 439 14.86 -7.89 -14.53
C ASN A 439 13.91 -7.56 -15.68
N GLU A 440 14.27 -8.00 -16.88
CA GLU A 440 13.50 -7.68 -18.08
C GLU A 440 12.22 -8.51 -18.19
N ASN A 441 12.26 -9.74 -17.69
CA ASN A 441 11.14 -10.67 -17.79
C ASN A 441 9.86 -10.06 -17.23
N TRP A 442 9.93 -9.57 -15.99
CA TRP A 442 8.83 -8.86 -15.36
C TRP A 442 8.87 -7.35 -15.63
N GLY A 443 10.06 -6.76 -15.59
CA GLY A 443 10.18 -5.32 -15.77
C GLY A 443 10.20 -4.66 -14.41
N THR A 444 11.30 -4.86 -13.68
CA THR A 444 11.44 -4.33 -12.33
C THR A 444 12.91 -4.16 -11.95
N ILE A 445 13.19 -3.11 -11.20
CA ILE A 445 14.51 -2.89 -10.60
C ILE A 445 14.62 -3.69 -9.30
N LEU A 446 15.61 -4.58 -9.26
CA LEU A 446 15.92 -5.37 -8.07
C LEU A 446 17.27 -4.95 -7.51
N GLY A 447 17.34 -4.81 -6.19
CA GLY A 447 18.60 -4.48 -5.50
C GLY A 447 19.24 -5.67 -4.83
N TYR A 448 20.56 -5.77 -4.94
CA TYR A 448 21.34 -6.84 -4.29
C TYR A 448 22.41 -6.22 -3.38
N HIS A 449 22.55 -6.69 -2.13
CA HIS A 449 21.82 -7.83 -1.57
C HIS A 449 20.34 -7.55 -1.32
N ALA A 450 19.55 -8.59 -1.48
CA ALA A 450 18.10 -8.53 -1.31
C ALA A 450 17.71 -9.21 0.00
N ALA A 451 16.53 -8.88 0.52
CA ALA A 451 15.96 -9.54 1.69
C ALA A 451 14.44 -9.40 1.63
N HIS A 452 13.76 -10.15 2.49
CA HIS A 452 12.28 -10.13 2.57
C HIS A 452 11.62 -10.47 1.23
N SER A 453 12.34 -11.24 0.42
CA SER A 453 11.97 -11.65 -0.93
C SER A 453 11.74 -10.47 -1.87
N SER A 454 12.47 -9.36 -1.63
CA SER A 454 12.41 -8.18 -2.48
C SER A 454 12.77 -8.49 -3.94
N ALA A 455 13.69 -9.44 -4.13
CA ALA A 455 14.06 -9.87 -5.48
C ALA A 455 13.28 -11.10 -5.95
N THR A 456 13.23 -12.15 -5.12
CA THR A 456 12.61 -13.41 -5.55
C THR A 456 11.08 -13.36 -5.66
N ARG A 457 10.45 -12.45 -4.93
CA ARG A 457 8.98 -12.29 -4.98
C ARG A 457 8.54 -10.90 -5.41
N ILE A 458 9.50 -10.03 -5.73
CA ILE A 458 9.26 -8.61 -6.04
C ILE A 458 8.49 -7.95 -4.88
N ASN A 459 8.94 -8.23 -3.66
CA ASN A 459 8.28 -7.72 -2.46
C ASN A 459 8.83 -6.37 -2.04
N ASP A 460 7.97 -5.56 -1.44
CA ASP A 460 8.39 -4.46 -0.55
C ASP A 460 9.22 -3.35 -1.20
N HIS A 461 9.08 -3.12 -2.51
CA HIS A 461 9.93 -2.10 -3.16
C HIS A 461 9.70 -0.69 -2.63
N HIS A 462 8.46 -0.37 -2.26
CA HIS A 462 8.19 0.90 -1.59
C HIS A 462 8.84 0.97 -0.20
N PHE A 463 8.73 -0.11 0.59
CA PHE A 463 9.35 -0.15 1.93
C PHE A 463 10.87 0.10 1.84
N HIS A 464 11.55 -0.65 0.97
CA HIS A 464 13.02 -0.58 0.85
C HIS A 464 13.49 0.70 0.18
N TYR A 465 12.98 0.96 -1.03
CA TYR A 465 13.46 2.09 -1.84
C TYR A 465 13.05 3.42 -1.27
N GLY A 466 11.95 3.44 -0.51
CA GLY A 466 11.53 4.62 0.25
C GLY A 466 12.64 5.20 1.11
N TYR A 467 13.42 4.34 1.75
CA TYR A 467 14.58 4.78 2.55
C TYR A 467 15.71 5.38 1.70
N PHE A 468 15.92 4.85 0.50
CA PHE A 468 16.89 5.40 -0.46
C PHE A 468 16.46 6.80 -0.92
N VAL A 469 15.16 6.96 -1.17
CA VAL A 469 14.59 8.26 -1.54
C VAL A 469 14.70 9.26 -0.39
N LYS A 470 14.50 8.79 0.85
CA LYS A 470 14.70 9.63 2.05
C LYS A 470 16.12 10.23 2.09
N ALA A 471 17.11 9.36 1.94
CA ALA A 471 18.53 9.75 1.89
C ALA A 471 18.77 10.78 0.78
N ALA A 472 18.22 10.50 -0.41
CA ALA A 472 18.35 11.39 -1.57
C ALA A 472 17.69 12.76 -1.35
N ALA A 473 16.51 12.75 -0.72
CA ALA A 473 15.77 13.98 -0.39
C ALA A 473 16.51 14.85 0.60
N GLU A 474 17.16 14.23 1.60
CA GLU A 474 17.98 14.99 2.55
C GLU A 474 19.22 15.60 1.90
N ILE A 475 19.86 14.85 1.00
CA ILE A 475 20.99 15.38 0.21
C ILE A 475 20.52 16.57 -0.64
N ALA A 476 19.40 16.39 -1.33
CA ALA A 476 18.84 17.40 -2.24
C ALA A 476 18.43 18.68 -1.52
N ARG A 477 18.03 18.55 -0.26
CA ARG A 477 17.66 19.68 0.58
C ARG A 477 18.85 20.64 0.80
N ALA A 478 20.05 20.08 0.84
CA ALA A 478 21.28 20.85 1.06
C ALA A 478 22.12 21.04 -0.20
N ASP A 479 21.93 20.17 -1.18
CA ASP A 479 22.75 20.14 -2.40
C ASP A 479 21.93 19.79 -3.65
N GLN A 480 21.40 20.84 -4.30
CA GLN A 480 20.57 20.69 -5.50
C GLN A 480 21.33 20.10 -6.71
N GLU A 481 22.62 20.40 -6.78
CA GLU A 481 23.50 19.96 -7.87
C GLU A 481 23.63 18.43 -7.91
N TRP A 482 23.87 17.80 -6.76
CA TRP A 482 23.95 16.34 -6.63
C TRP A 482 22.69 15.66 -7.19
N ALA A 483 21.54 16.28 -6.92
CA ALA A 483 20.22 15.74 -7.22
C ALA A 483 19.77 15.90 -8.68
N LYS A 484 20.53 16.64 -9.48
CA LYS A 484 20.23 16.82 -10.91
C LYS A 484 20.20 15.47 -11.64
N SER A 485 19.35 15.36 -12.66
N SER A 485 19.34 15.37 -12.66
CA SER A 485 19.17 14.12 -13.43
CA SER A 485 19.16 14.16 -13.46
C SER A 485 20.47 13.59 -14.04
C SER A 485 20.47 13.60 -14.02
N GLU A 486 21.30 14.50 -14.57
CA GLU A 486 22.59 14.12 -15.17
C GLU A 486 23.65 13.71 -14.12
N ASN A 487 23.39 14.02 -12.86
CA ASN A 487 24.25 13.57 -11.77
C ASN A 487 23.68 12.30 -11.12
N TRP A 488 23.12 12.41 -9.91
CA TRP A 488 22.62 11.23 -9.20
C TRP A 488 21.10 11.12 -9.18
N GLY A 489 20.43 12.20 -9.57
CA GLY A 489 18.97 12.25 -9.62
C GLY A 489 18.29 11.30 -10.58
N GLY A 490 18.96 11.02 -11.71
CA GLY A 490 18.47 10.07 -12.70
C GLY A 490 18.21 8.69 -12.12
N MET A 491 19.18 8.19 -11.35
CA MET A 491 19.07 6.88 -10.71
C MET A 491 18.02 6.82 -9.60
N ILE A 492 17.90 7.90 -8.83
CA ILE A 492 16.83 8.01 -7.81
C ILE A 492 15.46 7.99 -8.48
N ASP A 493 15.32 8.77 -9.57
CA ASP A 493 14.10 8.78 -10.39
C ASP A 493 13.75 7.41 -10.94
N LEU A 494 14.77 6.63 -11.30
CA LEU A 494 14.59 5.24 -11.74
C LEU A 494 14.01 4.33 -10.65
N LEU A 495 14.55 4.41 -9.43
CA LEU A 495 14.02 3.67 -8.29
C LEU A 495 12.55 4.00 -8.01
N ILE A 496 12.22 5.29 -8.08
CA ILE A 496 10.86 5.78 -7.85
C ILE A 496 9.91 5.25 -8.93
N ARG A 497 10.35 5.33 -10.19
CA ARG A 497 9.60 4.74 -11.30
C ARG A 497 9.31 3.25 -11.11
N ASP A 498 10.26 2.51 -10.52
CA ASP A 498 10.00 1.10 -10.28
C ASP A 498 8.76 0.88 -9.42
N PHE A 499 8.65 1.62 -8.31
CA PHE A 499 7.56 1.39 -7.36
C PHE A 499 6.30 2.24 -7.55
N MET A 500 6.39 3.32 -8.32
CA MET A 500 5.23 4.20 -8.57
C MET A 500 5.24 4.90 -9.92
N ALA A 501 5.48 4.13 -10.99
CA ALA A 501 5.53 4.67 -12.35
C ALA A 501 4.22 5.31 -12.75
N ASP A 502 4.33 6.32 -13.60
CA ASP A 502 3.18 6.88 -14.31
C ASP A 502 2.76 5.90 -15.42
N ARG A 503 1.67 6.23 -16.13
CA ARG A 503 1.20 5.44 -17.27
C ARG A 503 2.19 5.50 -18.41
N ASP A 504 2.23 4.44 -19.22
CA ASP A 504 3.06 4.36 -20.43
C ASP A 504 4.57 4.50 -20.15
N ASP A 505 4.99 3.97 -18.99
CA ASP A 505 6.41 3.87 -18.68
C ASP A 505 6.96 2.67 -19.46
N ASP A 506 8.04 2.90 -20.22
CA ASP A 506 8.64 1.86 -21.06
C ASP A 506 9.24 0.70 -20.26
N LEU A 507 9.59 0.95 -18.99
CA LEU A 507 10.27 -0.03 -18.16
C LEU A 507 9.41 -0.67 -17.07
N PHE A 508 8.41 0.06 -16.60
CA PHE A 508 7.68 -0.38 -15.40
C PHE A 508 6.15 -0.34 -15.58
N PRO A 509 5.43 -1.24 -14.86
CA PRO A 509 3.96 -1.16 -14.90
C PRO A 509 3.46 0.06 -14.12
N TYR A 510 2.20 0.42 -14.32
CA TYR A 510 1.59 1.58 -13.66
C TYR A 510 1.47 1.41 -12.15
N LEU A 511 2.00 2.39 -11.40
CA LEU A 511 1.89 2.46 -9.93
C LEU A 511 2.01 1.09 -9.28
N ARG A 512 3.16 0.44 -9.46
CA ARG A 512 3.36 -0.95 -9.04
C ARG A 512 2.71 -1.31 -7.70
N MET A 513 3.09 -0.59 -6.65
CA MET A 513 2.70 -0.95 -5.29
C MET A 513 1.21 -0.72 -5.01
N PHE A 514 0.64 0.27 -5.68
CA PHE A 514 -0.67 0.79 -5.29
C PHE A 514 -1.85 0.14 -5.98
N ASP A 515 -2.90 -0.10 -5.20
CA ASP A 515 -4.18 -0.56 -5.69
C ASP A 515 -5.10 0.66 -5.58
N PRO A 516 -5.39 1.35 -6.72
CA PRO A 516 -6.18 2.60 -6.67
C PRO A 516 -7.59 2.43 -6.10
N TYR A 517 -8.16 1.23 -6.23
CA TYR A 517 -9.53 0.98 -5.76
C TYR A 517 -9.58 0.54 -4.30
N SER A 518 -8.79 -0.47 -3.93
CA SER A 518 -8.69 -0.89 -2.52
C SER A 518 -8.15 0.22 -1.63
N GLY A 519 -7.39 1.14 -2.24
CA GLY A 519 -6.94 2.37 -1.57
C GLY A 519 -5.64 2.22 -0.83
N ASN A 520 -5.02 1.03 -0.90
CA ASN A 520 -3.78 0.73 -0.20
C ASN A 520 -2.73 0.11 -1.12
N SER A 521 -1.49 0.07 -0.64
CA SER A 521 -0.41 -0.65 -1.30
C SER A 521 -0.45 -2.13 -0.91
N TRP A 522 -0.01 -2.99 -1.82
CA TRP A 522 0.12 -4.43 -1.54
C TRP A 522 1.60 -4.80 -1.59
N ALA A 523 2.08 -5.44 -0.52
CA ALA A 523 3.53 -5.68 -0.35
C ALA A 523 4.09 -6.83 -1.17
N ASP A 524 3.29 -7.86 -1.42
CA ASP A 524 3.79 -9.07 -2.08
C ASP A 524 3.68 -8.96 -3.59
N GLY A 525 4.81 -9.15 -4.28
CA GLY A 525 4.85 -9.03 -5.74
C GLY A 525 4.00 -10.08 -6.44
N LEU A 526 3.95 -11.27 -5.85
CA LEU A 526 3.35 -12.46 -6.49
C LEU A 526 1.92 -12.78 -6.06
N ALA A 527 1.57 -12.48 -4.80
CA ALA A 527 0.21 -12.68 -4.25
C ALA A 527 -0.24 -14.14 -4.21
N THR A 528 0.73 -15.06 -4.20
CA THR A 528 0.45 -16.49 -4.21
C THR A 528 0.09 -17.04 -2.82
N PHE A 529 -0.96 -16.47 -2.23
CA PHE A 529 -1.52 -16.90 -0.95
C PHE A 529 -3.03 -17.04 -1.11
N ASP A 530 -3.64 -17.92 -0.32
CA ASP A 530 -5.11 -18.09 -0.34
C ASP A 530 -5.87 -16.97 0.39
N ALA A 531 -5.15 -16.04 0.99
CA ALA A 531 -5.79 -14.83 1.54
C ALA A 531 -5.66 -13.62 0.60
N GLY A 532 -5.19 -13.86 -0.62
CA GLY A 532 -4.89 -12.78 -1.58
C GLY A 532 -3.55 -12.13 -1.25
N ASN A 533 -3.44 -10.82 -1.50
CA ASN A 533 -2.23 -10.08 -1.20
C ASN A 533 -2.32 -9.52 0.23
N ASN A 534 -1.22 -8.92 0.70
CA ASN A 534 -1.13 -8.41 2.06
C ASN A 534 -0.29 -7.14 2.16
N GLN A 535 -0.54 -6.34 3.20
CA GLN A 535 0.39 -5.30 3.63
C GLN A 535 0.46 -5.27 5.15
N GLU A 536 1.69 -5.27 5.66
CA GLU A 536 1.94 -5.17 7.09
C GLU A 536 2.28 -3.74 7.50
N SER A 537 3.41 -3.20 7.03
CA SER A 537 3.83 -1.86 7.47
C SER A 537 3.24 -0.75 6.59
N SER A 538 2.02 -0.34 6.90
CA SER A 538 1.40 0.78 6.20
C SER A 538 2.17 2.09 6.39
N SER A 539 2.85 2.21 7.53
CA SER A 539 3.68 3.37 7.81
C SER A 539 4.95 3.44 6.94
N GLU A 540 5.51 2.28 6.59
CA GLU A 540 6.63 2.29 5.64
C GLU A 540 6.20 2.62 4.20
N ALA A 541 4.94 2.31 3.86
CA ALA A 541 4.36 2.77 2.59
C ALA A 541 4.21 4.29 2.61
N MET A 542 3.65 4.84 3.70
CA MET A 542 3.47 6.28 3.87
C MET A 542 4.80 7.03 3.88
N HIS A 543 5.81 6.38 4.44
CA HIS A 543 7.20 6.86 4.46
C HIS A 543 7.71 7.03 3.02
N ALA A 544 7.49 5.99 2.18
CA ALA A 544 7.86 6.07 0.74
C ALA A 544 7.20 7.24 0.02
N TRP A 545 5.88 7.40 0.17
CA TRP A 545 5.16 8.48 -0.49
C TRP A 545 5.65 9.85 -0.03
N THR A 546 5.84 9.99 1.28
CA THR A 546 6.38 11.22 1.89
C THR A 546 7.71 11.62 1.23
N ASN A 547 8.60 10.64 1.11
CA ASN A 547 9.95 10.91 0.61
C ASN A 547 9.97 11.30 -0.86
N VAL A 548 9.05 10.74 -1.65
CA VAL A 548 8.89 11.15 -3.05
C VAL A 548 8.35 12.59 -3.13
N ILE A 549 7.39 12.95 -2.27
CA ILE A 549 6.90 14.36 -2.19
C ILE A 549 8.09 15.30 -1.93
N LEU A 550 8.91 14.96 -0.93
CA LEU A 550 10.05 15.77 -0.53
C LEU A 550 11.10 15.86 -1.66
N TRP A 551 11.47 14.71 -2.20
CA TRP A 551 12.41 14.62 -3.33
C TRP A 551 11.96 15.43 -4.54
N ALA A 552 10.68 15.27 -4.91
CA ALA A 552 10.15 15.93 -6.10
C ALA A 552 10.02 17.44 -5.89
N GLU A 553 9.69 17.86 -4.67
CA GLU A 553 9.64 19.28 -4.32
C GLU A 553 11.06 19.90 -4.38
N ALA A 554 12.04 19.18 -3.82
CA ALA A 554 13.44 19.61 -3.81
C ALA A 554 14.02 19.74 -5.23
N THR A 555 13.61 18.85 -6.11
CA THR A 555 14.16 18.78 -7.48
C THR A 555 13.26 19.45 -8.54
N GLY A 556 12.19 20.10 -8.09
CA GLY A 556 11.29 20.85 -8.97
C GLY A 556 10.49 20.03 -9.97
N ASN A 557 10.09 18.82 -9.55
CA ASN A 557 9.35 17.88 -10.40
C ASN A 557 7.87 17.82 -9.93
N LYS A 558 7.07 18.76 -10.44
CA LYS A 558 5.67 18.92 -10.01
C LYS A 558 4.79 17.68 -10.26
N ALA A 559 4.94 17.05 -11.44
CA ALA A 559 4.14 15.90 -11.83
C ALA A 559 4.38 14.71 -10.88
N LEU A 560 5.65 14.48 -10.56
CA LEU A 560 6.03 13.39 -9.64
C LEU A 560 5.55 13.70 -8.22
N ARG A 561 5.72 14.95 -7.80
CA ARG A 561 5.26 15.39 -6.48
C ARG A 561 3.76 15.12 -6.30
N ASP A 562 2.97 15.56 -7.28
CA ASP A 562 1.52 15.43 -7.21
C ASP A 562 1.06 14.00 -7.16
N ARG A 563 1.73 13.12 -7.92
CA ARG A 563 1.45 11.69 -7.89
C ARG A 563 1.68 11.11 -6.48
N ALA A 564 2.79 11.49 -5.85
CA ALA A 564 3.10 11.06 -4.49
C ALA A 564 2.11 11.63 -3.46
N ILE A 565 1.65 12.86 -3.70
CA ILE A 565 0.59 13.48 -2.88
C ILE A 565 -0.72 12.68 -2.98
N TYR A 566 -1.08 12.28 -4.19
CA TYR A 566 -2.26 11.44 -4.43
C TYR A 566 -2.14 10.10 -3.67
N LEU A 567 -0.95 9.48 -3.72
CA LEU A 567 -0.70 8.20 -3.04
C LEU A 567 -0.75 8.34 -1.52
N TYR A 568 -0.02 9.33 -1.00
CA TYR A 568 0.00 9.61 0.45
C TYR A 568 -1.44 9.79 0.99
N THR A 569 -2.21 10.64 0.30
CA THR A 569 -3.54 11.02 0.75
C THR A 569 -4.52 9.84 0.65
N THR A 570 -4.43 9.07 -0.44
CA THR A 570 -5.32 7.90 -0.61
C THR A 570 -4.99 6.78 0.37
N GLU A 571 -3.70 6.43 0.48
CA GLU A 571 -3.24 5.41 1.44
C GLU A 571 -3.69 5.77 2.87
N MET A 572 -3.57 7.05 3.23
CA MET A 572 -4.03 7.54 4.53
C MET A 572 -5.49 7.16 4.80
N SER A 573 -6.36 7.38 3.81
CA SER A 573 -7.78 7.06 3.95
C SER A 573 -7.99 5.56 4.20
N ALA A 574 -7.23 4.71 3.52
CA ALA A 574 -7.30 3.26 3.74
C ALA A 574 -6.75 2.83 5.10
N ILE A 575 -5.62 3.42 5.51
CA ILE A 575 -5.01 3.14 6.83
C ILE A 575 -6.01 3.40 7.97
N ASN A 576 -6.65 4.56 7.93
CA ASN A 576 -7.56 4.95 9.01
C ASN A 576 -8.78 4.04 9.13
N GLU A 577 -9.19 3.46 8.00
CA GLU A 577 -10.29 2.49 7.99
C GLU A 577 -9.85 1.08 8.39
N TYR A 578 -8.86 0.53 7.70
CA TYR A 578 -8.63 -0.93 7.73
C TYR A 578 -7.54 -1.39 8.68
N PHE A 579 -6.57 -0.50 8.96
CA PHE A 579 -5.56 -0.79 9.97
C PHE A 579 -5.99 -0.27 11.34
N PHE A 580 -6.55 0.94 11.37
CA PHE A 580 -6.90 1.62 12.63
C PHE A 580 -8.37 1.50 13.03
N ASP A 581 -9.26 1.44 12.05
CA ASP A 581 -10.72 1.51 12.28
C ASP A 581 -11.07 2.68 13.20
N VAL A 582 -10.61 3.88 12.83
CA VAL A 582 -10.81 5.08 13.66
C VAL A 582 -12.29 5.32 13.98
N HIS A 583 -13.17 4.94 13.06
CA HIS A 583 -14.61 5.19 13.18
C HIS A 583 -15.34 4.10 13.96
N GLN A 584 -14.61 3.07 14.38
CA GLN A 584 -15.14 1.95 15.19
C GLN A 584 -16.38 1.32 14.54
N GLU A 585 -16.24 0.97 13.26
CA GLU A 585 -17.33 0.41 12.47
C GLU A 585 -16.95 -0.87 11.75
N ILE A 586 -15.64 -1.11 11.58
CA ILE A 586 -15.17 -2.18 10.70
C ILE A 586 -14.82 -3.47 11.46
N PHE A 587 -14.01 -3.36 12.51
CA PHE A 587 -13.57 -4.52 13.28
C PHE A 587 -14.76 -5.08 14.07
N PRO A 588 -14.89 -6.43 14.13
CA PRO A 588 -15.92 -7.04 14.96
C PRO A 588 -15.78 -6.62 16.42
N GLU A 589 -16.91 -6.46 17.12
CA GLU A 589 -16.90 -6.07 18.53
C GLU A 589 -16.04 -7.01 19.40
N GLU A 590 -16.08 -8.31 19.08
CA GLU A 590 -15.32 -9.31 19.83
C GLU A 590 -13.79 -9.30 19.57
N TYR A 591 -13.34 -8.57 18.54
CA TYR A 591 -11.90 -8.40 18.28
C TYR A 591 -11.29 -7.49 19.35
N GLY A 592 -10.38 -8.06 20.13
CA GLY A 592 -9.71 -7.37 21.23
C GLY A 592 -8.84 -6.17 20.89
N PRO A 593 -7.83 -6.33 19.99
CA PRO A 593 -6.87 -5.23 19.78
C PRO A 593 -7.49 -3.98 19.16
N GLU A 594 -6.74 -2.88 19.18
CA GLU A 594 -7.16 -1.62 18.57
C GLU A 594 -6.39 -1.35 17.27
N ILE A 595 -5.85 -2.40 16.68
CA ILE A 595 -5.12 -2.31 15.41
C ILE A 595 -5.18 -3.66 14.70
N VAL A 596 -5.25 -3.61 13.38
CA VAL A 596 -4.95 -4.76 12.54
C VAL A 596 -3.53 -4.54 12.04
N THR A 597 -2.69 -5.55 12.24
CA THR A 597 -1.27 -5.45 11.90
C THR A 597 -1.02 -5.75 10.42
N ILE A 598 -1.66 -6.82 9.93
CA ILE A 598 -1.52 -7.23 8.55
C ILE A 598 -2.92 -7.29 7.94
N ASN A 599 -3.12 -6.47 6.91
CA ASN A 599 -4.33 -6.56 6.10
C ASN A 599 -4.09 -7.43 4.88
N TRP A 600 -4.99 -8.39 4.69
CA TRP A 600 -5.01 -9.24 3.52
C TRP A 600 -6.27 -8.94 2.72
N GLY A 601 -6.30 -9.43 1.48
CA GLY A 601 -7.53 -9.41 0.69
C GLY A 601 -8.69 -10.05 1.44
N GLY A 602 -8.43 -11.16 2.12
CA GLY A 602 -9.51 -11.95 2.70
C GLY A 602 -9.55 -12.13 4.20
N LYS A 603 -8.62 -11.52 4.92
CA LYS A 603 -8.50 -11.67 6.36
C LYS A 603 -7.73 -10.50 6.98
N MET A 604 -7.81 -10.40 8.31
CA MET A 604 -7.10 -9.39 9.08
C MET A 604 -6.42 -10.07 10.26
N ASP A 605 -5.14 -9.78 10.47
CA ASP A 605 -4.38 -10.40 11.56
C ASP A 605 -3.73 -9.38 12.49
N HIS A 606 -3.79 -9.69 13.78
CA HIS A 606 -2.94 -9.03 14.76
C HIS A 606 -1.79 -10.01 14.97
N ALA A 607 -0.74 -9.83 14.17
CA ALA A 607 0.39 -10.76 14.09
C ALA A 607 1.46 -10.11 13.21
N THR A 608 2.69 -10.60 13.30
CA THR A 608 3.77 -10.10 12.46
C THR A 608 4.38 -11.20 11.60
N TRP A 609 5.06 -10.81 10.52
CA TRP A 609 5.78 -11.73 9.64
C TRP A 609 6.97 -12.43 10.31
N TRP A 610 7.49 -11.80 11.38
CA TRP A 610 8.58 -12.36 12.17
C TRP A 610 8.09 -12.58 13.61
N ASN A 611 8.89 -13.27 14.42
CA ASN A 611 8.50 -13.51 15.81
C ASN A 611 8.71 -12.27 16.66
N SER A 612 7.61 -11.73 17.18
CA SER A 612 7.64 -10.46 17.91
C SER A 612 6.83 -10.53 19.21
N GLY A 613 6.95 -9.48 20.03
CA GLY A 613 6.16 -9.30 21.23
C GLY A 613 4.99 -8.38 21.01
N LYS A 614 4.52 -7.77 22.09
CA LYS A 614 3.24 -7.06 22.08
C LYS A 614 3.31 -5.71 21.37
N VAL A 615 4.35 -4.93 21.67
CA VAL A 615 4.53 -3.59 21.10
C VAL A 615 4.60 -3.62 19.57
N GLU A 616 5.36 -4.57 19.03
CA GLU A 616 5.68 -4.61 17.60
C GLU A 616 4.43 -4.78 16.74
N LYS A 617 3.44 -5.49 17.29
CA LYS A 617 2.19 -5.74 16.56
C LYS A 617 1.33 -4.47 16.41
N TYR A 618 1.67 -3.44 17.19
CA TYR A 618 1.16 -2.07 17.01
C TYR A 618 2.16 -1.21 16.22
N ALA A 619 3.41 -1.16 16.69
CA ALA A 619 4.39 -0.17 16.20
C ALA A 619 4.94 -0.39 14.78
N ILE A 620 4.79 -1.61 14.25
CA ILE A 620 5.14 -1.86 12.83
C ILE A 620 4.31 -1.00 11.86
N ASN A 621 3.15 -0.53 12.35
CA ASN A 621 2.30 0.41 11.60
C ASN A 621 2.47 1.89 12.03
N TRP A 622 3.49 2.16 12.86
CA TRP A 622 3.89 3.54 13.19
C TRP A 622 5.26 3.91 12.61
N LEU A 623 6.19 2.94 12.58
CA LEU A 623 7.59 3.22 12.21
C LEU A 623 7.80 3.37 10.69
N PRO A 624 8.81 4.12 10.24
CA PRO A 624 9.66 4.98 11.10
C PRO A 624 8.98 6.31 11.38
N PHE A 625 9.42 7.03 12.40
CA PHE A 625 8.94 8.40 12.64
C PHE A 625 9.76 9.36 11.82
N HIS A 626 9.06 10.25 11.10
CA HIS A 626 9.68 11.19 10.16
C HIS A 626 8.74 12.39 9.96
N GLY A 627 9.12 13.33 9.10
CA GLY A 627 8.32 14.55 8.87
C GLY A 627 6.98 14.34 8.19
N GLY A 628 6.74 13.12 7.69
CA GLY A 628 5.44 12.75 7.12
C GLY A 628 4.55 11.94 8.06
N SER A 629 5.02 11.72 9.29
CA SER A 629 4.32 10.89 10.29
C SER A 629 3.08 11.52 10.93
N LEU A 630 2.83 12.81 10.69
CA LEU A 630 1.79 13.52 11.44
C LEU A 630 0.37 13.02 11.18
N TYR A 631 0.18 12.31 10.06
CA TYR A 631 -1.09 11.64 9.76
C TYR A 631 -1.54 10.69 10.89
N LEU A 632 -0.55 10.16 11.64
CA LEU A 632 -0.81 9.28 12.77
C LEU A 632 -1.54 9.95 13.93
N GLY A 633 -1.49 11.29 13.98
CA GLY A 633 -2.14 12.05 15.04
C GLY A 633 -3.44 12.76 14.70
N HIS A 634 -4.02 12.48 13.52
CA HIS A 634 -5.27 13.12 13.09
C HIS A 634 -6.48 12.72 13.93
N HIS A 635 -6.42 11.55 14.56
CA HIS A 635 -7.55 11.04 15.35
C HIS A 635 -7.12 10.79 16.80
N PRO A 636 -7.13 11.87 17.63
CA PRO A 636 -6.60 11.74 18.99
C PRO A 636 -7.31 10.70 19.85
N ASP A 637 -8.63 10.53 19.67
CA ASP A 637 -9.37 9.50 20.42
C ASP A 637 -8.89 8.09 20.03
N TYR A 638 -8.61 7.88 18.75
CA TYR A 638 -8.00 6.61 18.33
C TYR A 638 -6.63 6.42 18.98
N VAL A 639 -5.76 7.43 18.87
CA VAL A 639 -4.41 7.36 19.45
C VAL A 639 -4.46 6.96 20.93
N ASP A 640 -5.37 7.59 21.68
CA ASP A 640 -5.62 7.26 23.09
C ASP A 640 -6.07 5.81 23.28
N ARG A 641 -7.10 5.42 22.51
CA ARG A 641 -7.70 4.07 22.54
C ARG A 641 -6.65 2.98 22.26
N ALA A 642 -5.85 3.19 21.22
CA ALA A 642 -4.82 2.21 20.81
C ALA A 642 -3.73 2.09 21.86
N TYR A 643 -3.22 3.23 22.33
CA TYR A 643 -2.21 3.26 23.38
C TYR A 643 -2.69 2.58 24.67
N GLU A 644 -3.92 2.89 25.09
CA GLU A 644 -4.47 2.35 26.34
C GLU A 644 -4.62 0.83 26.29
N GLU A 645 -5.01 0.32 25.12
CA GLU A 645 -5.15 -1.12 24.91
C GLU A 645 -3.80 -1.85 24.97
N LEU A 646 -2.78 -1.25 24.34
CA LEU A 646 -1.42 -1.81 24.37
C LEU A 646 -0.87 -1.78 25.79
N ARG A 647 -1.04 -0.65 26.46
CA ARG A 647 -0.68 -0.50 27.88
C ARG A 647 -1.38 -1.55 28.77
N ARG A 648 -2.68 -1.75 28.54
CA ARG A 648 -3.47 -2.75 29.28
C ARG A 648 -2.86 -4.15 29.14
N ASP A 649 -2.54 -4.52 27.90
CA ASP A 649 -2.00 -5.85 27.60
C ASP A 649 -0.57 -6.05 28.13
N ILE A 650 0.27 -5.02 28.01
CA ILE A 650 1.60 -5.01 28.64
C ILE A 650 1.45 -5.09 30.17
N GLY A 651 0.50 -4.34 30.71
CA GLY A 651 0.20 -4.31 32.15
C GLY A 651 0.89 -3.18 32.89
N SER A 652 1.68 -2.40 32.16
CA SER A 652 2.47 -1.28 32.68
C SER A 652 3.04 -0.49 31.50
N THR A 653 3.95 0.45 31.78
CA THR A 653 4.69 1.14 30.71
C THR A 653 6.08 0.53 30.47
N ASP A 654 6.27 -0.70 30.95
CA ASP A 654 7.51 -1.45 30.72
C ASP A 654 7.39 -2.19 29.37
N TRP A 655 7.61 -1.44 28.31
CA TRP A 655 7.41 -1.94 26.94
C TRP A 655 8.39 -3.07 26.66
N ASN A 656 7.90 -4.15 26.06
CA ASN A 656 8.73 -5.34 25.80
C ASN A 656 9.88 -5.05 24.84
N LEU A 657 9.65 -4.16 23.88
CA LEU A 657 10.64 -3.77 22.89
C LEU A 657 10.23 -2.44 22.29
N TRP A 658 11.17 -1.74 21.66
CA TRP A 658 10.92 -0.50 20.92
C TRP A 658 10.27 0.60 21.77
N SER A 659 10.73 0.74 23.02
CA SER A 659 10.10 1.68 23.97
C SER A 659 9.94 3.08 23.39
N ASN A 660 10.99 3.56 22.73
CA ASN A 660 11.03 4.91 22.18
C ASN A 660 9.91 5.19 21.17
N LEU A 661 9.52 4.16 20.41
CA LEU A 661 8.42 4.28 19.44
C LEU A 661 7.08 4.46 20.13
N VAL A 662 6.89 3.75 21.25
CA VAL A 662 5.68 3.92 22.05
C VAL A 662 5.63 5.33 22.66
N TRP A 663 6.76 5.81 23.20
CA TRP A 663 6.81 7.18 23.74
C TRP A 663 6.48 8.25 22.68
N MET A 664 7.05 8.09 21.48
N MET A 664 7.04 8.09 21.48
CA MET A 664 6.82 9.04 20.39
CA MET A 664 6.83 9.04 20.39
C MET A 664 5.37 9.07 19.94
C MET A 664 5.37 9.07 19.93
N TYR A 665 4.74 7.89 19.90
CA TYR A 665 3.33 7.74 19.56
C TYR A 665 2.43 8.36 20.64
N ARG A 666 2.72 8.04 21.90
CA ARG A 666 2.01 8.61 23.06
C ARG A 666 2.03 10.14 23.02
N ALA A 667 3.13 10.72 22.53
CA ALA A 667 3.32 12.18 22.46
C ALA A 667 2.32 12.91 21.54
N PHE A 668 1.64 12.16 20.67
CA PHE A 668 0.54 12.71 19.85
C PHE A 668 -0.63 13.23 20.69
N THR A 669 -0.86 12.63 21.86
CA THR A 669 -2.01 13.02 22.71
C THR A 669 -1.66 13.38 24.14
N ASN A 670 -0.53 12.86 24.63
CA ASN A 670 -0.08 13.11 26.00
C ASN A 670 1.46 13.20 26.07
N PRO A 671 2.02 14.35 25.66
CA PRO A 671 3.49 14.50 25.69
C PRO A 671 4.08 14.52 27.11
N ASP A 672 3.31 14.96 28.12
CA ASP A 672 3.77 14.92 29.51
C ASP A 672 4.06 13.49 29.96
N ASP A 673 3.17 12.57 29.61
CA ASP A 673 3.32 11.15 29.91
C ASP A 673 4.50 10.56 29.13
N ALA A 674 4.57 10.91 27.85
CA ALA A 674 5.67 10.52 26.96
C ALA A 674 7.03 10.99 27.52
N LEU A 675 7.09 12.26 27.95
CA LEU A 675 8.29 12.84 28.55
C LEU A 675 8.77 12.13 29.82
N GLN A 676 7.84 11.82 30.70
N GLN A 676 7.86 11.80 30.73
CA GLN A 676 8.10 11.11 31.97
CA GLN A 676 8.26 11.13 31.97
C GLN A 676 8.70 9.73 31.74
C GLN A 676 8.76 9.70 31.73
N GLN A 677 8.09 8.98 30.82
CA GLN A 677 8.55 7.63 30.43
C GLN A 677 9.92 7.67 29.77
N MET A 678 10.14 8.67 28.92
CA MET A 678 11.42 8.91 28.27
C MET A 678 12.52 9.22 29.29
N GLU A 679 12.26 10.14 30.22
CA GLU A 679 13.26 10.53 31.24
C GLU A 679 13.70 9.35 32.10
N ALA A 680 12.76 8.49 32.43
CA ALA A 680 13.00 7.32 33.27
C ALA A 680 13.89 6.27 32.61
N SER A 681 13.81 6.16 31.28
CA SER A 681 14.43 5.01 30.59
C SER A 681 15.36 5.26 29.40
N ILE A 682 15.35 6.46 28.82
CA ILE A 682 16.13 6.73 27.60
C ILE A 682 17.63 6.38 27.76
N ASP A 683 18.18 6.69 28.92
CA ASP A 683 19.62 6.51 29.18
C ASP A 683 19.96 5.16 29.84
N ASP A 684 18.99 4.23 29.87
CA ASP A 684 19.18 2.89 30.46
C ASP A 684 20.38 2.14 29.89
N TYR A 685 20.51 2.21 28.56
CA TYR A 685 21.65 1.62 27.87
C TYR A 685 22.40 2.71 27.07
N GLY A 686 23.68 2.47 26.81
CA GLY A 686 24.56 3.47 26.20
C GLY A 686 24.46 3.55 24.70
N LEU A 687 25.60 3.31 24.04
CA LEU A 687 25.73 3.44 22.58
C LEU A 687 25.04 2.31 21.81
N PHE A 688 24.96 2.46 20.48
CA PHE A 688 24.27 1.52 19.58
C PHE A 688 24.61 0.05 19.87
N ASP A 689 23.57 -0.75 20.07
CA ASP A 689 23.70 -2.18 20.31
C ASP A 689 22.61 -2.94 19.55
N PRO A 690 23.00 -3.61 18.43
CA PRO A 690 22.06 -4.37 17.59
C PRO A 690 21.32 -5.48 18.33
N GLY A 691 21.95 -6.04 19.36
CA GLY A 691 21.35 -7.10 20.15
C GLY A 691 20.31 -6.65 21.16
N ASN A 692 20.13 -5.33 21.31
CA ASN A 692 19.23 -4.78 22.32
C ASN A 692 18.37 -3.62 21.81
N GLU A 693 17.12 -3.93 21.47
CA GLU A 693 16.17 -2.95 20.96
C GLU A 693 15.06 -2.64 21.98
N LYS A 694 15.32 -2.98 23.25
CA LYS A 694 14.37 -2.77 24.35
C LYS A 694 13.96 -1.29 24.47
N ILE A 695 14.94 -0.41 24.42
CA ILE A 695 14.70 1.01 24.62
C ILE A 695 14.63 1.75 23.30
N ILE A 696 15.60 1.49 22.42
CA ILE A 696 15.70 2.17 21.12
C ILE A 696 15.58 1.16 19.97
N GLU A 697 14.52 1.31 19.16
CA GLU A 697 14.34 0.50 17.94
C GLU A 697 15.51 0.76 16.98
N ARG A 698 16.00 -0.28 16.30
CA ARG A 698 17.27 -0.18 15.55
C ARG A 698 17.31 0.83 14.38
N GLY A 699 16.13 1.19 13.85
CA GLY A 699 16.03 2.26 12.85
C GLY A 699 15.90 3.66 13.42
N SER A 700 15.85 3.75 14.75
N SER A 700 15.88 3.75 14.75
CA SER A 700 15.63 5.00 15.49
CA SER A 700 15.65 5.01 15.46
C SER A 700 16.88 5.39 16.28
C SER A 700 16.87 5.38 16.30
N THR A 701 16.87 6.59 16.86
CA THR A 701 17.96 7.06 17.73
C THR A 701 17.41 7.75 18.97
N LYS A 702 18.26 7.84 20.00
CA LYS A 702 17.98 8.68 21.17
C LYS A 702 17.72 10.12 20.73
N ALA A 703 18.58 10.63 19.83
CA ALA A 703 18.47 12.00 19.31
C ALA A 703 17.10 12.27 18.69
N GLN A 704 16.67 11.38 17.81
CA GLN A 704 15.36 11.49 17.16
C GLN A 704 14.22 11.49 18.19
N THR A 705 14.27 10.52 19.12
CA THR A 705 13.27 10.34 20.18
C THR A 705 13.13 11.61 21.04
N TYR A 706 14.27 12.13 21.50
CA TYR A 706 14.34 13.31 22.36
C TYR A 706 13.82 14.55 21.64
N HIS A 707 14.23 14.71 20.38
CA HIS A 707 13.85 15.82 19.53
C HIS A 707 12.34 15.80 19.23
N TRP A 708 11.82 14.61 18.93
CA TRP A 708 10.40 14.43 18.62
C TRP A 708 9.51 14.77 19.81
N ILE A 709 9.76 14.11 20.95
CA ILE A 709 8.86 14.23 22.12
C ILE A 709 8.81 15.67 22.64
N HIS A 710 9.97 16.32 22.72
CA HIS A 710 10.03 17.72 23.17
C HIS A 710 9.39 18.71 22.20
N ASN A 711 9.52 18.44 20.91
CA ASN A 711 8.80 19.24 19.90
C ASN A 711 7.28 19.16 20.07
N LEU A 712 6.77 17.94 20.22
N LEU A 712 6.75 17.95 20.23
CA LEU A 712 5.34 17.69 20.43
CA LEU A 712 5.31 17.74 20.41
C LEU A 712 4.81 18.35 21.70
C LEU A 712 4.77 18.31 21.73
N ALA A 713 5.61 18.29 22.77
CA ALA A 713 5.28 18.92 24.06
C ALA A 713 5.01 20.42 23.92
N GLU A 714 5.83 21.09 23.11
CA GLU A 714 5.68 22.52 22.85
C GLU A 714 4.59 22.85 21.83
N LEU A 715 4.46 22.00 20.82
CA LEU A 715 3.54 22.26 19.69
C LEU A 715 2.10 21.92 19.99
N GLY A 716 1.90 20.89 20.82
CA GLY A 716 0.56 20.37 21.10
C GLY A 716 0.12 19.32 20.10
N ARG A 717 -1.16 19.36 19.75
CA ARG A 717 -1.80 18.35 18.90
C ARG A 717 -1.65 18.70 17.42
N VAL A 718 -1.57 17.68 16.58
CA VAL A 718 -1.69 17.84 15.12
C VAL A 718 -3.06 18.47 14.82
N ASP A 719 -3.09 19.47 13.95
CA ASP A 719 -4.35 20.12 13.57
C ASP A 719 -4.68 19.91 12.08
N PRO A 720 -5.43 18.84 11.75
CA PRO A 720 -5.75 18.54 10.35
C PRO A 720 -6.89 19.39 9.77
N THR A 721 -7.49 20.27 10.58
CA THR A 721 -8.60 21.13 10.13
C THR A 721 -8.13 22.34 9.33
N VAL A 722 -6.82 22.60 9.34
CA VAL A 722 -6.21 23.69 8.59
C VAL A 722 -5.35 23.14 7.45
N THR A 723 -5.63 23.63 6.25
CA THR A 723 -4.81 23.33 5.07
C THR A 723 -4.01 24.57 4.64
N ALA A 724 -3.15 24.40 3.65
CA ALA A 724 -2.34 25.48 3.10
C ALA A 724 -2.29 25.37 1.58
N ASN A 725 -1.95 26.48 0.91
CA ASN A 725 -1.85 26.52 -0.56
C ASN A 725 -0.47 26.13 -1.11
N HIS A 726 0.38 25.58 -0.24
CA HIS A 726 1.65 24.97 -0.62
C HIS A 726 1.73 23.59 0.06
N PRO A 727 2.55 22.65 -0.46
CA PRO A 727 2.44 21.28 0.06
C PRO A 727 3.35 20.89 1.24
N ILE A 728 4.33 21.72 1.58
CA ILE A 728 5.30 21.37 2.63
C ILE A 728 5.06 22.22 3.89
N TYR A 729 4.19 21.71 4.76
CA TYR A 729 3.73 22.44 5.95
C TYR A 729 3.17 21.47 6.98
N ALA A 730 2.94 21.99 8.19
CA ALA A 730 2.12 21.34 9.21
C ALA A 730 1.53 22.42 10.10
N VAL A 731 0.35 22.15 10.65
CA VAL A 731 -0.31 23.03 11.62
C VAL A 731 -0.56 22.24 12.90
N PHE A 732 -0.16 22.84 14.02
CA PHE A 732 -0.36 22.28 15.35
C PHE A 732 -1.29 23.19 16.15
N ASN A 733 -1.92 22.62 17.17
CA ASN A 733 -2.87 23.34 18.02
C ASN A 733 -2.65 22.92 19.48
N LYS A 734 -2.26 23.88 20.31
CA LYS A 734 -2.09 23.64 21.74
C LYS A 734 -3.06 24.53 22.52
N ASN A 735 -4.16 23.91 22.98
CA ASN A 735 -5.24 24.59 23.71
C ASN A 735 -5.72 25.89 23.03
N GLY A 736 -5.92 25.82 21.72
CA GLY A 736 -6.41 26.96 20.95
C GLY A 736 -5.33 27.81 20.28
N ASN A 737 -4.08 27.64 20.73
CA ASN A 737 -2.95 28.35 20.12
C ASN A 737 -2.33 27.53 18.99
N ARG A 738 -2.46 28.04 17.78
CA ARG A 738 -1.93 27.39 16.59
C ARG A 738 -0.47 27.76 16.30
N THR A 739 0.30 26.74 15.92
CA THR A 739 1.63 26.94 15.38
C THR A 739 1.61 26.49 13.92
N TYR A 740 2.12 27.35 13.05
CA TYR A 740 2.17 27.11 11.61
C TYR A 740 3.63 26.89 11.22
N ILE A 741 3.89 25.76 10.56
CA ILE A 741 5.25 25.40 10.13
C ILE A 741 5.25 25.19 8.62
N VAL A 742 6.20 25.82 7.93
CA VAL A 742 6.40 25.64 6.48
C VAL A 742 7.90 25.51 6.23
N TYR A 743 8.27 24.54 5.39
CA TYR A 743 9.61 24.51 4.82
C TYR A 743 9.55 24.90 3.35
N ASN A 744 10.46 25.79 2.96
CA ASN A 744 10.54 26.31 1.60
C ASN A 744 11.77 25.75 0.89
N PHE A 745 11.53 24.85 -0.08
CA PHE A 745 12.61 24.24 -0.89
C PHE A 745 13.12 25.15 -2.02
N SER A 746 12.46 26.29 -2.22
CA SER A 746 12.78 27.19 -3.33
C SER A 746 13.98 28.10 -3.07
N ASP A 747 14.60 28.55 -4.17
CA ASP A 747 15.65 29.59 -4.16
C ASP A 747 15.08 30.99 -3.86
N SER A 748 13.77 31.14 -4.01
CA SER A 748 13.07 32.41 -3.78
C SER A 748 12.21 32.35 -2.52
N PRO A 749 11.96 33.52 -1.88
CA PRO A 749 10.99 33.55 -0.78
C PRO A 749 9.57 33.26 -1.27
N ILE A 750 8.73 32.74 -0.38
CA ILE A 750 7.34 32.41 -0.71
C ILE A 750 6.39 32.97 0.35
N THR A 751 5.14 33.14 -0.05
CA THR A 751 4.05 33.44 0.88
C THR A 751 3.08 32.24 0.89
N VAL A 752 2.73 31.76 2.08
CA VAL A 752 1.81 30.64 2.24
C VAL A 752 0.53 31.13 2.89
N GLN A 753 -0.61 30.82 2.26
CA GLN A 753 -1.93 31.11 2.82
C GLN A 753 -2.53 29.85 3.44
N PHE A 754 -2.97 29.98 4.69
CA PHE A 754 -3.64 28.90 5.40
C PHE A 754 -5.16 29.09 5.34
N SER A 755 -5.90 28.00 5.44
CA SER A 755 -7.36 28.01 5.24
C SER A 755 -8.15 28.72 6.34
N ASP A 756 -7.49 29.00 7.48
CA ASP A 756 -8.10 29.76 8.58
C ASP A 756 -7.84 31.27 8.47
N GLY A 757 -7.27 31.70 7.35
CA GLY A 757 -6.96 33.12 7.11
C GLY A 757 -5.54 33.54 7.41
N HIS A 758 -4.78 32.71 8.14
CA HIS A 758 -3.40 33.00 8.51
C HIS A 758 -2.47 32.97 7.30
N SER A 759 -1.46 33.85 7.33
CA SER A 759 -0.52 34.01 6.22
C SER A 759 0.89 34.21 6.76
N ILE A 760 1.87 33.58 6.11
CA ILE A 760 3.29 33.71 6.51
C ILE A 760 4.22 33.86 5.30
N GLN A 761 5.35 34.55 5.52
CA GLN A 761 6.43 34.63 4.54
C GLN A 761 7.55 33.70 4.97
N VAL A 762 8.11 32.95 4.02
CA VAL A 762 9.18 32.00 4.30
C VAL A 762 10.37 32.32 3.40
N GLU A 763 11.54 32.43 4.01
CA GLU A 763 12.80 32.69 3.30
C GLU A 763 13.26 31.43 2.54
N PRO A 764 14.15 31.60 1.52
CA PRO A 764 14.63 30.44 0.76
C PRO A 764 15.30 29.39 1.63
N HIS A 765 15.12 28.12 1.25
CA HIS A 765 15.79 26.97 1.90
C HIS A 765 15.77 26.99 3.43
N SER A 766 14.57 27.16 3.99
CA SER A 766 14.41 27.32 5.43
C SER A 766 12.98 27.02 5.91
N PHE A 767 12.87 26.74 7.21
CA PHE A 767 11.59 26.80 7.92
C PHE A 767 11.24 28.27 8.14
N ASN A 768 9.95 28.55 8.33
CA ASN A 768 9.48 29.88 8.72
C ASN A 768 9.86 30.22 10.17
N ILE A 769 9.87 29.17 11.01
CA ILE A 769 10.23 29.23 12.43
C ILE A 769 10.97 27.95 12.81
N GLY A 770 11.95 28.07 13.71
CA GLY A 770 12.71 26.92 14.20
C GLY A 770 13.69 26.31 13.20
N ASN A 771 14.49 27.18 12.58
CA ASN A 771 15.61 26.75 11.74
C ASN A 771 16.82 26.31 12.58
N GLY A 772 16.84 26.73 13.85
CA GLY A 772 17.91 26.40 14.77
C GLY A 772 19.04 27.40 14.73
#